data_8CTB
#
_entry.id   8CTB
#
_cell.length_a   97.983
_cell.length_b   137.232
_cell.length_c   178.304
_cell.angle_alpha   90.000
_cell.angle_beta   90.000
_cell.angle_gamma   90.000
#
_symmetry.space_group_name_H-M   'I 2 2 2'
#
loop_
_entity.id
_entity.type
_entity.pdbx_description
1 polymer 'Protein arginine N-methyltransferase 5'
2 polymer 'Methylosome protein 50'
3 non-polymer 7-chloro-1-methyl-1H-benzimidazol-2-amine
4 non-polymer "5'-DEOXY-5'-METHYLTHIOADENOSINE"
5 water water
#
loop_
_entity_poly.entity_id
_entity_poly.type
_entity_poly.pdbx_seq_one_letter_code
_entity_poly.pdbx_strand_id
1 'polypeptide(L)'
;MDYKDDDDKAAMAVGGAGGSRVSSGRDLNCVPEIADTLGAVAKQGFDFLCMPVFHPRFKREFIQEPAKNRPGPQTRSDLL
LSGRDWNTLIVGKLSPWIRPDSKVEKIRRNSEAAMLQELNFGAYLGLPAFLLPLNQEDNTNLARVLTNHIHTGHHSSMFW
MRVPLVAPEDLRDDIIENAPTTHTEEYSGEEKTWMWWHNFRTLCDYSKRIAVALEIGADLPSNHVIDRWLGEPIKAAILP
TSIFLTNKKGFPVLSKMHQRLIFRLLKLEVQFIITGTNHHSEKEFCSYLQYLEYLSQNRPPPNAYELFAKGYEDYLQSPL
QPLMDNLESQTYEVFEKDPIKYSQYQQAIYKCLLDRVPEEEKDTNVQVLMVLGAGRGPLVNASLRAAKQADRRIKLYAVE
KNPNAVVTLENWQFEEWGSQVTVVSSDMREWVAPEKADIIVSELLGSFADNELSPECLDGAQHFLKDDGVSIPGEYTSFL
APISSSKLYNEVRACREKDRDPEAQFEMPYVVRLHNFHQLSAPQPCFTFSHPNRDPMIDNNRYCTLEFPVEVNTVLHGFA
GYFETVLYQDITLSIRPETHSPGMFSWFPILFPIKQPITVREGQTICVRFWRCSNSKKVWYEWAVTAPVCSAIHNPTGRS
YTIGL
;
A
2 'polypeptide(L)'
;MHHHHHHHHRKETPPPLVPPAAREWNLPPNAPACMERQLEAARYRSDGALLLGASSLSGRCWAGSLWLFKDPCAAPNEGF
CSAGVQTEAGVADLTWVGERGILVASDSGAVELWELDENETLIVSKFCKYEHDDIVSTVSVLSSGTQAVSGSKDICIKVW
DLAQQVVLSSYRAHAAQVTCVAASPHKDSVFLSCSEDNRILLWDTRCPKPASQIGCSAPGYLPTSLAWHPQQSEVFVFGD
ENGTVSLVDTKSTSCVLSSAVHSQCVTGLVFSPHSVPFLASLSEDCSLAVLDSSLSELFRSQAHRDFVRDATWSPLNHSL
LTTVGWDHQVVHHVVPTEPLPAPGPASVTE
;
B
#
# COMPACT_ATOMS: atom_id res chain seq x y z
N ARG A 21 -7.11 0.16 -20.11
CA ARG A 21 -7.83 -0.46 -19.00
C ARG A 21 -7.15 -0.15 -17.67
N VAL A 22 -7.94 0.16 -16.65
CA VAL A 22 -7.46 0.43 -15.30
C VAL A 22 -8.29 -0.38 -14.32
N SER A 23 -7.65 -1.22 -13.52
CA SER A 23 -8.33 -1.97 -12.47
C SER A 23 -8.54 -1.05 -11.28
N SER A 24 -9.78 -0.61 -11.07
CA SER A 24 -10.09 0.34 -10.02
C SER A 24 -11.24 -0.18 -9.17
N GLY A 25 -11.12 0.01 -7.85
CA GLY A 25 -12.13 -0.41 -6.92
C GLY A 25 -12.72 0.77 -6.16
N ARG A 26 -13.82 0.50 -5.46
CA ARG A 26 -14.56 1.50 -4.70
C ARG A 26 -14.55 1.09 -3.23
N ASP A 27 -14.03 1.97 -2.37
CA ASP A 27 -14.04 1.75 -0.94
C ASP A 27 -15.29 2.35 -0.32
N LEU A 28 -15.91 1.60 0.59
CA LEU A 28 -17.13 2.03 1.25
C LEU A 28 -17.13 1.59 2.70
N ASN A 29 -17.79 2.38 3.54
CA ASN A 29 -18.03 2.02 4.93
C ASN A 29 -19.52 1.99 5.25
N CYS A 30 -20.38 2.18 4.25
CA CYS A 30 -21.83 2.20 4.44
C CYS A 30 -22.46 1.41 3.29
N VAL A 31 -22.93 0.21 3.59
CA VAL A 31 -23.56 -0.65 2.59
C VAL A 31 -24.91 -1.12 3.13
N PRO A 32 -26.02 -0.48 2.75
CA PRO A 32 -27.33 -0.94 3.23
C PRO A 32 -27.71 -2.29 2.66
N GLU A 33 -27.60 -2.44 1.34
CA GLU A 33 -27.94 -3.68 0.66
C GLU A 33 -26.77 -4.07 -0.22
N ILE A 34 -26.21 -5.27 0.02
CA ILE A 34 -25.07 -5.73 -0.79
C ILE A 34 -25.48 -5.87 -2.25
N ALA A 35 -26.67 -6.43 -2.50
CA ALA A 35 -27.13 -6.60 -3.87
C ALA A 35 -27.32 -5.25 -4.57
N ASP A 36 -27.80 -4.25 -3.84
CA ASP A 36 -28.01 -2.94 -4.43
C ASP A 36 -26.69 -2.16 -4.56
N THR A 37 -25.91 -2.12 -3.48
CA THR A 37 -24.67 -1.34 -3.51
C THR A 37 -23.69 -1.90 -4.53
N LEU A 38 -23.55 -3.22 -4.60
CA LEU A 38 -22.62 -3.81 -5.56
C LEU A 38 -23.06 -3.55 -7.00
N GLY A 39 -24.36 -3.53 -7.24
CA GLY A 39 -24.85 -3.26 -8.59
C GLY A 39 -24.60 -1.83 -9.02
N ALA A 40 -24.79 -0.88 -8.10
CA ALA A 40 -24.58 0.53 -8.44
C ALA A 40 -23.09 0.82 -8.65
N VAL A 41 -22.24 0.27 -7.78
CA VAL A 41 -20.80 0.45 -7.93
C VAL A 41 -20.33 -0.12 -9.26
N ALA A 42 -20.90 -1.26 -9.67
CA ALA A 42 -20.52 -1.86 -10.94
C ALA A 42 -21.02 -1.03 -12.12
N LYS A 43 -22.24 -0.50 -12.02
CA LYS A 43 -22.78 0.33 -13.10
C LYS A 43 -21.95 1.60 -13.30
N GLN A 44 -21.28 2.08 -12.25
CA GLN A 44 -20.40 3.22 -12.37
C GLN A 44 -19.07 2.87 -13.02
N GLY A 45 -18.74 1.58 -13.13
CA GLY A 45 -17.55 1.15 -13.83
C GLY A 45 -16.45 0.54 -12.98
N PHE A 46 -16.72 0.20 -11.72
CA PHE A 46 -15.68 -0.33 -10.87
C PHE A 46 -15.53 -1.84 -11.07
N ASP A 47 -14.39 -2.37 -10.62
CA ASP A 47 -14.10 -3.79 -10.73
C ASP A 47 -14.35 -4.55 -9.42
N PHE A 48 -14.21 -3.89 -8.27
CA PHE A 48 -14.44 -4.54 -7.00
C PHE A 48 -14.89 -3.51 -5.97
N LEU A 49 -15.29 -4.00 -4.80
CA LEU A 49 -15.83 -3.18 -3.73
C LEU A 49 -15.10 -3.48 -2.44
N CYS A 50 -14.65 -2.45 -1.74
CA CYS A 50 -14.02 -2.57 -0.43
C CYS A 50 -15.08 -2.21 0.61
N MET A 51 -15.52 -3.21 1.37
CA MET A 51 -16.63 -3.04 2.30
C MET A 51 -16.31 -3.81 3.58
N PRO A 52 -16.96 -3.46 4.69
CA PRO A 52 -16.75 -4.23 5.92
C PRO A 52 -17.57 -5.51 5.95
N VAL A 53 -16.97 -6.57 6.49
CA VAL A 53 -17.67 -7.84 6.58
C VAL A 53 -18.72 -7.80 7.69
N PHE A 54 -18.44 -7.10 8.78
CA PHE A 54 -19.41 -6.83 9.83
C PHE A 54 -19.72 -5.34 9.83
N HIS A 55 -20.80 -4.98 10.52
CA HIS A 55 -21.14 -3.56 10.61
C HIS A 55 -20.03 -2.82 11.34
N PRO A 56 -19.53 -1.72 10.79
CA PRO A 56 -18.37 -1.05 11.41
C PRO A 56 -18.64 -0.50 12.80
N ARG A 57 -19.89 -0.14 13.10
CA ARG A 57 -20.26 0.36 14.42
C ARG A 57 -20.79 -0.73 15.34
N PHE A 58 -20.82 -1.99 14.89
CA PHE A 58 -21.40 -3.08 15.67
C PHE A 58 -20.30 -3.73 16.51
N LYS A 59 -20.01 -3.09 17.65
CA LYS A 59 -19.06 -3.64 18.59
C LYS A 59 -19.60 -4.93 19.20
N ARG A 60 -18.68 -5.83 19.57
CA ARG A 60 -19.04 -7.14 20.08
C ARG A 60 -18.17 -7.50 21.27
N GLU A 61 -18.81 -7.93 22.35
CA GLU A 61 -18.09 -8.33 23.55
C GLU A 61 -17.85 -9.84 23.53
N PHE A 62 -16.71 -10.25 24.07
CA PHE A 62 -16.29 -11.65 24.05
C PHE A 62 -15.97 -12.23 25.41
N ILE A 63 -15.98 -11.43 26.48
CA ILE A 63 -15.55 -11.92 27.79
C ILE A 63 -16.60 -11.61 28.85
N GLN A 64 -16.91 -10.34 29.05
CA GLN A 64 -17.75 -9.93 30.17
C GLN A 64 -19.23 -10.06 29.81
N GLU A 65 -20.01 -10.62 30.73
CA GLU A 65 -21.45 -10.72 30.56
C GLU A 65 -22.13 -9.40 30.93
N PRO A 66 -23.35 -9.16 30.47
CA PRO A 66 -24.20 -9.98 29.57
C PRO A 66 -24.06 -9.59 28.11
N ALA A 67 -23.02 -8.84 27.76
CA ALA A 67 -22.90 -8.34 26.40
C ALA A 67 -22.39 -9.41 25.43
N LYS A 68 -21.62 -10.38 25.92
CA LYS A 68 -21.13 -11.44 25.04
C LYS A 68 -22.20 -12.44 24.65
N ASN A 69 -23.30 -12.54 25.40
CA ASN A 69 -24.33 -13.52 25.10
C ASN A 69 -25.35 -12.92 24.15
N ARG A 70 -24.91 -11.98 23.32
CA ARG A 70 -25.80 -11.30 22.41
C ARG A 70 -26.31 -12.29 21.35
N PRO A 71 -27.62 -12.36 21.13
CA PRO A 71 -28.13 -13.29 20.13
C PRO A 71 -27.79 -12.84 18.71
N GLY A 72 -27.51 -13.81 17.85
CA GLY A 72 -27.11 -13.53 16.49
C GLY A 72 -28.29 -13.14 15.61
N PRO A 73 -28.04 -13.03 14.30
CA PRO A 73 -26.77 -13.25 13.59
C PRO A 73 -25.79 -12.10 13.80
N GLN A 74 -24.49 -12.38 13.65
CA GLN A 74 -23.48 -11.36 13.87
C GLN A 74 -23.27 -10.46 12.65
N THR A 75 -23.65 -10.91 11.46
CA THR A 75 -23.48 -10.14 10.24
C THR A 75 -24.41 -10.70 9.18
N ARG A 76 -24.22 -10.27 7.93
CA ARG A 76 -25.01 -10.77 6.83
C ARG A 76 -24.66 -12.23 6.54
N SER A 77 -25.53 -12.88 5.77
CA SER A 77 -25.32 -14.26 5.36
C SER A 77 -24.50 -14.33 4.07
N ASP A 78 -23.71 -15.39 3.95
CA ASP A 78 -22.92 -15.61 2.75
C ASP A 78 -23.76 -15.93 1.53
N LEU A 79 -25.04 -16.28 1.71
CA LEU A 79 -25.92 -16.59 0.59
C LEU A 79 -26.32 -15.36 -0.21
N LEU A 80 -26.02 -14.16 0.28
CA LEU A 80 -26.43 -12.94 -0.42
C LEU A 80 -25.64 -12.70 -1.71
N LEU A 81 -24.48 -13.35 -1.86
CA LEU A 81 -23.72 -13.28 -3.11
C LEU A 81 -23.26 -14.68 -3.48
N SER A 82 -22.95 -14.84 -4.76
CA SER A 82 -22.44 -16.11 -5.25
C SER A 82 -20.97 -16.28 -4.86
N GLY A 83 -20.51 -17.52 -4.91
CA GLY A 83 -19.11 -17.79 -4.59
C GLY A 83 -18.15 -17.11 -5.54
N ARG A 84 -18.59 -16.82 -6.76
CA ARG A 84 -17.74 -16.10 -7.71
C ARG A 84 -17.63 -14.63 -7.32
N ASP A 85 -18.70 -14.04 -6.79
CA ASP A 85 -18.65 -12.64 -6.39
C ASP A 85 -17.76 -12.44 -5.17
N TRP A 86 -17.81 -13.36 -4.21
CA TRP A 86 -16.96 -13.25 -3.03
C TRP A 86 -15.49 -13.46 -3.39
N ASN A 87 -15.21 -14.21 -4.46
CA ASN A 87 -13.84 -14.50 -4.84
C ASN A 87 -13.22 -13.44 -5.73
N THR A 88 -14.02 -12.55 -6.32
CA THR A 88 -13.51 -11.56 -7.27
C THR A 88 -14.01 -10.14 -7.04
N LEU A 89 -15.13 -9.92 -6.36
CA LEU A 89 -15.73 -8.60 -6.30
C LEU A 89 -15.68 -7.94 -4.93
N ILE A 90 -15.53 -8.71 -3.85
CA ILE A 90 -15.61 -8.19 -2.49
C ILE A 90 -14.23 -8.23 -1.86
N VAL A 91 -13.85 -7.14 -1.21
CA VAL A 91 -12.61 -7.03 -0.46
C VAL A 91 -12.95 -6.71 0.99
N GLY A 92 -12.44 -7.53 1.91
CA GLY A 92 -12.78 -7.35 3.31
C GLY A 92 -12.15 -6.11 3.91
N LYS A 93 -12.79 -5.63 4.98
CA LYS A 93 -12.31 -4.46 5.72
C LYS A 93 -12.47 -4.72 7.21
N LEU A 94 -11.40 -4.49 7.96
CA LEU A 94 -11.45 -4.63 9.40
C LEU A 94 -12.37 -3.58 10.01
N SER A 95 -13.01 -3.94 11.12
CA SER A 95 -13.86 -2.99 11.81
C SER A 95 -13.02 -1.88 12.43
N PRO A 96 -13.45 -0.62 12.33
CA PRO A 96 -12.64 0.48 12.88
C PRO A 96 -12.44 0.39 14.38
N TRP A 97 -13.45 -0.11 15.11
CA TRP A 97 -13.36 -0.17 16.57
C TRP A 97 -12.36 -1.21 17.06
N ILE A 98 -11.89 -2.10 16.19
CA ILE A 98 -10.94 -3.13 16.60
C ILE A 98 -9.58 -2.49 16.81
N ARG A 99 -9.08 -2.54 18.05
CA ARG A 99 -7.81 -1.91 18.43
C ARG A 99 -6.96 -2.93 19.17
N PRO A 100 -6.23 -3.78 18.44
CA PRO A 100 -5.44 -4.82 19.11
C PRO A 100 -4.28 -4.30 19.94
N ASP A 101 -3.83 -3.06 19.69
CA ASP A 101 -2.74 -2.47 20.45
C ASP A 101 -3.21 -1.46 21.47
N SER A 102 -4.49 -1.53 21.87
CA SER A 102 -5.02 -0.61 22.86
C SER A 102 -4.31 -0.79 24.19
N LYS A 103 -4.08 0.33 24.89
CA LYS A 103 -3.44 0.27 26.19
C LYS A 103 -4.35 -0.33 27.26
N VAL A 104 -5.64 -0.42 26.99
CA VAL A 104 -6.59 -1.06 27.90
C VAL A 104 -6.59 -2.56 27.63
N GLU A 105 -6.48 -3.35 28.69
CA GLU A 105 -6.39 -4.79 28.54
C GLU A 105 -7.71 -5.38 28.02
N LYS A 106 -8.84 -4.92 28.56
CA LYS A 106 -10.14 -5.44 28.14
C LYS A 106 -10.38 -5.16 26.66
N ILE A 107 -10.14 -3.91 26.23
CA ILE A 107 -10.28 -3.57 24.83
C ILE A 107 -9.30 -4.38 23.98
N ARG A 108 -8.14 -4.69 24.54
CA ARG A 108 -7.13 -5.45 23.79
C ARG A 108 -7.58 -6.89 23.55
N ARG A 109 -8.16 -7.54 24.57
CA ARG A 109 -8.60 -8.92 24.42
C ARG A 109 -9.77 -9.02 23.46
N ASN A 110 -10.76 -8.15 23.60
CA ASN A 110 -11.90 -8.15 22.69
C ASN A 110 -11.45 -7.89 21.25
N SER A 111 -10.45 -7.02 21.07
CA SER A 111 -9.97 -6.72 19.73
C SER A 111 -9.27 -7.93 19.12
N GLU A 112 -8.54 -8.70 19.93
CA GLU A 112 -7.89 -9.90 19.42
C GLU A 112 -8.91 -10.92 18.94
N ALA A 113 -9.94 -11.18 19.75
CA ALA A 113 -10.97 -12.13 19.35
C ALA A 113 -11.78 -11.62 18.16
N ALA A 114 -12.02 -10.30 18.12
CA ALA A 114 -12.78 -9.74 17.01
C ALA A 114 -11.96 -9.76 15.72
N MET A 115 -10.65 -9.51 15.81
CA MET A 115 -9.81 -9.53 14.63
C MET A 115 -9.76 -10.92 14.01
N LEU A 116 -9.58 -11.95 14.85
CA LEU A 116 -9.62 -13.31 14.35
C LEU A 116 -10.99 -13.64 13.76
N GLN A 117 -12.06 -13.16 14.41
CA GLN A 117 -13.41 -13.43 13.92
C GLN A 117 -13.62 -12.86 12.53
N GLU A 118 -13.16 -11.63 12.30
CA GLU A 118 -13.35 -11.00 11.00
C GLU A 118 -12.38 -11.55 9.96
N LEU A 119 -11.16 -11.89 10.37
CA LEU A 119 -10.21 -12.50 9.44
C LEU A 119 -10.65 -13.91 9.06
N ASN A 120 -11.15 -14.68 10.03
CA ASN A 120 -11.65 -16.02 9.72
C ASN A 120 -12.90 -15.95 8.85
N PHE A 121 -13.75 -14.94 9.07
CA PHE A 121 -14.95 -14.82 8.26
C PHE A 121 -14.61 -14.36 6.84
N GLY A 122 -13.57 -13.52 6.70
CA GLY A 122 -13.11 -13.16 5.37
C GLY A 122 -12.55 -14.37 4.63
N ALA A 123 -11.87 -15.26 5.36
CA ALA A 123 -11.36 -16.49 4.74
C ALA A 123 -12.51 -17.44 4.43
N TYR A 124 -13.52 -17.49 5.30
CA TYR A 124 -14.68 -18.34 5.05
C TYR A 124 -15.37 -17.97 3.74
N LEU A 125 -15.42 -16.67 3.42
CA LEU A 125 -15.98 -16.20 2.17
C LEU A 125 -15.05 -16.37 0.99
N GLY A 126 -13.78 -16.69 1.22
CA GLY A 126 -12.82 -16.76 0.14
C GLY A 126 -12.52 -15.41 -0.46
N LEU A 127 -12.48 -14.37 0.36
CA LEU A 127 -12.25 -13.02 -0.14
C LEU A 127 -10.84 -12.92 -0.71
N PRO A 128 -10.67 -12.31 -1.88
CA PRO A 128 -9.31 -12.20 -2.45
C PRO A 128 -8.38 -11.32 -1.63
N ALA A 129 -8.92 -10.34 -0.91
CA ALA A 129 -8.08 -9.44 -0.13
C ALA A 129 -8.85 -8.95 1.09
N PHE A 130 -8.12 -8.64 2.15
CA PHE A 130 -8.68 -8.11 3.39
C PHE A 130 -7.87 -6.91 3.82
N LEU A 131 -8.55 -5.81 4.14
CA LEU A 131 -7.90 -4.54 4.47
C LEU A 131 -7.68 -4.42 5.96
N LEU A 132 -6.47 -3.99 6.35
CA LEU A 132 -6.13 -3.74 7.74
C LEU A 132 -5.35 -2.43 7.82
N PRO A 133 -5.66 -1.56 8.77
CA PRO A 133 -5.04 -0.24 8.81
C PRO A 133 -3.75 -0.18 9.63
N LEU A 134 -2.81 0.62 9.13
CA LEU A 134 -1.60 1.00 9.86
C LEU A 134 -1.69 2.50 10.09
N ASN A 135 -2.19 2.90 11.26
CA ASN A 135 -2.46 4.29 11.55
C ASN A 135 -1.66 4.85 12.73
N GLN A 136 -0.85 4.03 13.40
CA GLN A 136 -0.02 4.50 14.50
C GLN A 136 1.35 3.84 14.39
N GLU A 137 2.20 4.11 15.39
CA GLU A 137 3.57 3.59 15.34
C GLU A 137 3.63 2.14 15.83
N ASP A 138 2.90 1.82 16.90
CA ASP A 138 2.95 0.49 17.51
C ASP A 138 1.79 -0.34 16.99
N ASN A 139 2.11 -1.37 16.20
CA ASN A 139 1.12 -2.35 15.76
C ASN A 139 1.62 -3.77 16.04
N THR A 140 2.36 -3.94 17.14
CA THR A 140 2.99 -5.22 17.44
C THR A 140 1.94 -6.32 17.65
N ASN A 141 1.03 -6.11 18.60
CA ASN A 141 -0.02 -7.10 18.84
C ASN A 141 -0.90 -7.28 17.61
N LEU A 142 -1.10 -6.21 16.85
CA LEU A 142 -1.81 -6.34 15.57
C LEU A 142 -1.07 -7.26 14.62
N ALA A 143 0.26 -7.13 14.56
CA ALA A 143 1.06 -7.99 13.70
C ALA A 143 1.02 -9.43 14.18
N ARG A 144 0.99 -9.63 15.50
CA ARG A 144 1.00 -10.99 16.03
C ARG A 144 -0.29 -11.73 15.67
N VAL A 145 -1.44 -11.05 15.79
CA VAL A 145 -2.71 -11.68 15.47
C VAL A 145 -2.76 -12.04 13.99
N LEU A 146 -2.26 -11.15 13.13
CA LEU A 146 -2.26 -11.44 11.70
C LEU A 146 -1.29 -12.57 11.37
N THR A 147 -0.08 -12.52 11.93
CA THR A 147 0.87 -13.61 11.74
C THR A 147 0.32 -14.92 12.29
N ASN A 148 -0.38 -14.85 13.42
CA ASN A 148 -1.03 -16.04 13.96
C ASN A 148 -2.09 -16.58 13.02
N HIS A 149 -2.85 -15.68 12.38
CA HIS A 149 -3.91 -16.10 11.47
C HIS A 149 -3.33 -16.67 10.16
N ILE A 150 -2.19 -16.15 9.71
CA ILE A 150 -1.60 -16.63 8.46
C ILE A 150 -1.13 -18.07 8.59
N HIS A 151 -0.51 -18.41 9.72
CA HIS A 151 0.00 -19.75 9.95
C HIS A 151 -1.08 -20.72 10.42
N THR A 152 -2.35 -20.32 10.39
CA THR A 152 -3.47 -21.22 10.67
C THR A 152 -4.04 -21.66 9.33
N GLY A 153 -3.32 -22.58 8.69
CA GLY A 153 -3.66 -23.06 7.37
C GLY A 153 -2.71 -22.53 6.32
N HIS A 154 -3.01 -22.88 5.07
CA HIS A 154 -2.23 -22.48 3.91
C HIS A 154 -3.13 -21.91 2.83
N HIS A 155 -4.11 -21.09 3.24
CA HIS A 155 -5.04 -20.49 2.31
C HIS A 155 -4.33 -19.45 1.43
N SER A 156 -5.06 -18.94 0.45
CA SER A 156 -4.54 -17.98 -0.52
C SER A 156 -5.38 -16.72 -0.47
N SER A 157 -5.21 -15.93 0.60
CA SER A 157 -5.87 -14.65 0.75
C SER A 157 -4.83 -13.56 0.91
N MET A 158 -5.10 -12.41 0.31
CA MET A 158 -4.18 -11.28 0.37
C MET A 158 -4.59 -10.35 1.51
N PHE A 159 -3.60 -9.73 2.14
CA PHE A 159 -3.83 -8.81 3.25
C PHE A 159 -3.22 -7.45 2.89
N TRP A 160 -4.09 -6.49 2.58
CA TRP A 160 -3.64 -5.14 2.22
C TRP A 160 -3.55 -4.29 3.48
N MET A 161 -2.34 -3.82 3.77
CA MET A 161 -2.12 -2.92 4.90
C MET A 161 -2.31 -1.48 4.44
N ARG A 162 -3.33 -0.82 4.98
CA ARG A 162 -3.64 0.56 4.64
C ARG A 162 -2.70 1.47 5.40
N VAL A 163 -1.72 2.05 4.69
CA VAL A 163 -0.76 2.96 5.31
C VAL A 163 -0.72 4.26 4.50
N PRO A 164 -0.90 5.41 5.14
CA PRO A 164 -0.92 6.67 4.41
C PRO A 164 0.48 7.19 4.12
N LEU A 165 0.58 7.95 3.03
CA LEU A 165 1.86 8.57 2.69
C LEU A 165 2.33 9.49 3.79
N VAL A 166 1.42 10.27 4.38
CA VAL A 166 1.72 11.17 5.48
C VAL A 166 0.79 10.82 6.64
N ALA A 167 1.35 10.75 7.84
CA ALA A 167 0.56 10.44 9.02
C ALA A 167 -0.47 11.53 9.28
N PRO A 168 -1.65 11.17 9.79
CA PRO A 168 -2.67 12.18 10.06
C PRO A 168 -2.22 13.28 11.02
N GLU A 169 -1.33 12.95 11.97
CA GLU A 169 -0.85 13.98 12.89
C GLU A 169 0.00 15.02 12.17
N ASP A 170 0.70 14.62 11.11
CA ASP A 170 1.58 15.54 10.38
C ASP A 170 0.88 16.27 9.25
N LEU A 171 -0.43 16.06 9.06
CA LEU A 171 -1.19 16.79 8.05
C LEU A 171 -2.38 17.53 8.64
N ARG A 172 -2.47 17.60 9.97
CA ARG A 172 -3.58 18.29 10.61
C ARG A 172 -3.46 19.80 10.40
N ASP A 173 -4.62 20.46 10.38
CA ASP A 173 -4.63 21.92 10.27
C ASP A 173 -3.98 22.54 11.51
N ASP A 174 -3.19 23.59 11.28
CA ASP A 174 -2.54 24.32 12.36
C ASP A 174 -3.53 25.27 13.03
N ILE A 175 -4.60 24.70 13.55
CA ILE A 175 -5.68 25.45 14.18
C ILE A 175 -5.74 25.24 15.67
N ILE A 176 -4.85 24.43 16.25
CA ILE A 176 -4.76 24.26 17.69
C ILE A 176 -3.87 25.37 18.24
N GLU A 177 -4.44 26.21 19.11
CA GLU A 177 -3.72 27.39 19.57
C GLU A 177 -2.52 27.02 20.43
N ASN A 178 -2.67 26.03 21.31
CA ASN A 178 -1.60 25.63 22.23
C ASN A 178 -0.83 24.40 21.77
N ALA A 179 -1.02 23.96 20.53
CA ALA A 179 -0.23 22.86 19.96
C ALA A 179 -0.03 23.11 18.48
N PRO A 180 0.86 24.04 18.12
CA PRO A 180 1.06 24.36 16.71
C PRO A 180 1.87 23.27 16.00
N THR A 181 1.59 23.11 14.72
CA THR A 181 2.32 22.15 13.90
C THR A 181 3.74 22.66 13.67
N THR A 182 4.73 21.93 14.17
CA THR A 182 6.11 22.36 14.06
C THR A 182 6.52 22.46 12.59
N HIS A 183 7.11 23.60 12.23
CA HIS A 183 7.49 23.90 10.87
C HIS A 183 8.96 23.60 10.59
N THR A 184 9.64 22.94 11.52
CA THR A 184 11.03 22.54 11.32
C THR A 184 11.07 21.27 10.48
N GLU A 185 11.76 21.33 9.34
CA GLU A 185 11.85 20.20 8.43
C GLU A 185 12.78 19.15 9.00
N GLU A 186 12.24 17.96 9.28
CA GLU A 186 13.02 16.82 9.75
C GLU A 186 12.98 15.74 8.68
N TYR A 187 14.16 15.28 8.26
CA TYR A 187 14.23 14.34 7.15
C TYR A 187 13.63 12.99 7.53
N SER A 188 14.05 12.43 8.65
CA SER A 188 13.56 11.11 9.05
C SER A 188 12.11 11.17 9.54
N GLY A 189 11.74 12.25 10.23
CA GLY A 189 10.40 12.36 10.77
C GLY A 189 9.33 12.33 9.70
N GLU A 190 9.63 12.87 8.52
CA GLU A 190 8.69 12.84 7.41
C GLU A 190 8.57 11.45 6.79
N GLU A 191 9.41 10.50 7.18
CA GLU A 191 9.36 9.12 6.69
C GLU A 191 8.81 8.16 7.74
N LYS A 192 8.01 8.65 8.69
CA LYS A 192 7.59 7.82 9.80
C LYS A 192 6.63 6.72 9.35
N THR A 193 5.77 7.02 8.37
CA THR A 193 4.78 6.04 7.94
C THR A 193 5.44 4.80 7.34
N TRP A 194 6.53 4.99 6.59
CA TRP A 194 7.27 3.85 6.06
C TRP A 194 7.87 3.02 7.19
N MET A 195 8.30 3.68 8.27
CA MET A 195 8.83 2.96 9.42
C MET A 195 7.77 2.06 10.04
N TRP A 196 6.52 2.51 10.04
CA TRP A 196 5.42 1.67 10.51
C TRP A 196 5.33 0.39 9.69
N TRP A 197 5.31 0.54 8.36
CA TRP A 197 5.21 -0.62 7.48
C TRP A 197 6.44 -1.52 7.62
N HIS A 198 7.64 -0.92 7.64
CA HIS A 198 8.85 -1.72 7.73
C HIS A 198 8.87 -2.57 8.99
N ASN A 199 8.50 -1.97 10.13
CA ASN A 199 8.43 -2.73 11.37
C ASN A 199 7.35 -3.80 11.30
N PHE A 200 6.22 -3.49 10.66
CA PHE A 200 5.10 -4.41 10.64
C PHE A 200 5.43 -5.67 9.84
N ARG A 201 5.90 -5.50 8.60
CA ARG A 201 6.20 -6.67 7.77
C ARG A 201 7.39 -7.44 8.31
N THR A 202 8.32 -6.77 9.00
CA THR A 202 9.42 -7.48 9.63
C THR A 202 8.94 -8.36 10.78
N LEU A 203 8.01 -7.84 11.58
CA LEU A 203 7.40 -8.67 12.62
C LEU A 203 6.71 -9.89 12.03
N CYS A 204 6.15 -9.76 10.83
CA CYS A 204 5.48 -10.86 10.16
C CYS A 204 6.44 -11.71 9.31
N ASP A 205 7.74 -11.42 9.36
CA ASP A 205 8.77 -12.22 8.70
C ASP A 205 8.59 -12.25 7.19
N TYR A 206 8.29 -11.09 6.61
CA TYR A 206 8.22 -10.90 5.16
C TYR A 206 7.27 -11.90 4.50
N SER A 207 6.04 -11.92 5.00
CA SER A 207 5.03 -12.83 4.45
C SER A 207 4.64 -12.41 3.04
N LYS A 208 4.56 -13.40 2.14
CA LYS A 208 4.15 -13.13 0.77
C LYS A 208 2.68 -12.72 0.65
N ARG A 209 1.90 -12.91 1.72
CA ARG A 209 0.48 -12.57 1.71
C ARG A 209 0.20 -11.25 2.41
N ILE A 210 1.19 -10.35 2.45
CA ILE A 210 1.05 -9.04 3.10
C ILE A 210 1.59 -7.99 2.15
N ALA A 211 0.70 -7.14 1.64
CA ALA A 211 1.05 -6.08 0.71
C ALA A 211 0.72 -4.72 1.32
N VAL A 212 0.93 -3.67 0.53
CA VAL A 212 0.74 -2.29 0.96
C VAL A 212 -0.40 -1.69 0.15
N ALA A 213 -1.33 -1.02 0.84
CA ALA A 213 -2.39 -0.23 0.21
C ALA A 213 -2.11 1.23 0.53
N LEU A 214 -1.23 1.85 -0.25
CA LEU A 214 -0.78 3.20 0.03
C LEU A 214 -1.92 4.19 -0.15
N GLU A 215 -2.17 5.00 0.88
CA GLU A 215 -3.24 5.99 0.87
C GLU A 215 -2.65 7.37 0.65
N ILE A 216 -3.17 8.09 -0.34
CA ILE A 216 -2.61 9.36 -0.77
C ILE A 216 -3.40 10.49 -0.13
N GLY A 217 -2.70 11.56 0.25
CA GLY A 217 -3.30 12.72 0.88
C GLY A 217 -3.39 13.91 -0.06
N ALA A 218 -3.98 14.98 0.47
CA ALA A 218 -4.17 16.20 -0.32
C ALA A 218 -2.83 16.88 -0.61
N ASP A 219 -1.91 16.85 0.35
CA ASP A 219 -0.60 17.44 0.20
C ASP A 219 0.45 16.34 0.17
N LEU A 220 1.14 16.20 -0.95
CA LEU A 220 2.17 15.18 -1.07
C LEU A 220 3.40 15.59 -0.26
N PRO A 221 4.08 14.63 0.37
CA PRO A 221 5.30 14.98 1.12
C PRO A 221 6.46 15.29 0.19
N SER A 222 7.65 15.50 0.75
CA SER A 222 8.83 15.73 -0.06
C SER A 222 9.12 14.50 -0.92
N ASN A 223 9.85 14.72 -2.02
CA ASN A 223 10.07 13.68 -3.01
C ASN A 223 10.77 12.46 -2.42
N HIS A 224 11.60 12.67 -1.39
CA HIS A 224 12.34 11.55 -0.81
C HIS A 224 11.42 10.62 -0.03
N VAL A 225 10.36 11.16 0.58
CA VAL A 225 9.41 10.32 1.31
C VAL A 225 8.66 9.42 0.34
N ILE A 226 8.32 9.93 -0.84
CA ILE A 226 7.64 9.10 -1.84
C ILE A 226 8.60 8.06 -2.40
N ASP A 227 9.87 8.44 -2.63
CA ASP A 227 10.86 7.48 -3.11
C ASP A 227 11.12 6.36 -2.11
N ARG A 228 10.78 6.58 -0.84
CA ARG A 228 10.98 5.55 0.18
C ARG A 228 10.24 4.27 -0.15
N TRP A 229 9.07 4.38 -0.80
CA TRP A 229 8.23 3.22 -1.10
C TRP A 229 8.65 2.49 -2.37
N LEU A 230 9.75 2.88 -3.01
CA LEU A 230 10.23 2.16 -4.16
C LEU A 230 10.69 0.76 -3.75
N GLY A 231 10.38 -0.22 -4.58
CA GLY A 231 10.68 -1.61 -4.26
C GLY A 231 9.77 -2.24 -3.24
N GLU A 232 8.79 -1.50 -2.72
CA GLU A 232 7.87 -2.05 -1.74
C GLU A 232 6.69 -2.73 -2.46
N PRO A 233 6.19 -3.84 -1.92
CA PRO A 233 5.09 -4.56 -2.57
C PRO A 233 3.77 -3.79 -2.51
N ILE A 234 3.65 -2.75 -3.35
CA ILE A 234 2.44 -1.95 -3.40
C ILE A 234 1.45 -2.62 -4.35
N LYS A 235 0.29 -2.98 -3.82
CA LYS A 235 -0.77 -3.58 -4.62
C LYS A 235 -1.99 -2.71 -4.78
N ALA A 236 -2.11 -1.63 -3.99
CA ALA A 236 -3.28 -0.77 -4.06
C ALA A 236 -2.89 0.65 -3.73
N ALA A 237 -3.52 1.60 -4.42
CA ALA A 237 -3.35 3.03 -4.16
C ALA A 237 -4.72 3.62 -3.87
N ILE A 238 -4.89 4.16 -2.68
CA ILE A 238 -6.17 4.70 -2.22
C ILE A 238 -6.20 6.19 -2.50
N LEU A 239 -7.21 6.64 -3.25
CA LEU A 239 -7.37 8.04 -3.64
C LEU A 239 -8.68 8.57 -3.09
N PRO A 240 -8.66 9.38 -2.03
CA PRO A 240 -9.89 10.00 -1.56
C PRO A 240 -10.44 10.99 -2.57
N THR A 241 -11.75 11.21 -2.50
CA THR A 241 -12.37 12.19 -3.38
C THR A 241 -12.02 13.62 -2.98
N SER A 242 -11.40 13.82 -1.82
CA SER A 242 -11.04 15.16 -1.35
C SER A 242 -9.78 15.69 -2.03
N ILE A 243 -8.90 14.80 -2.52
CA ILE A 243 -7.66 15.25 -3.15
C ILE A 243 -7.87 15.67 -4.60
N PHE A 244 -9.10 15.67 -5.10
CA PHE A 244 -9.37 16.03 -6.48
C PHE A 244 -9.73 17.51 -6.58
N LEU A 245 -9.05 18.23 -7.46
CA LEU A 245 -9.34 19.64 -7.70
C LEU A 245 -10.58 19.75 -8.58
N THR A 246 -10.84 20.94 -9.11
CA THR A 246 -12.02 21.16 -9.94
C THR A 246 -11.62 22.03 -11.12
N ASN A 247 -11.98 21.59 -12.33
CA ASN A 247 -11.67 22.35 -13.53
C ASN A 247 -12.70 23.44 -13.76
N LYS A 248 -12.82 23.92 -15.00
CA LYS A 248 -13.81 24.94 -15.31
C LYS A 248 -15.21 24.33 -15.45
N LYS A 249 -15.31 23.15 -16.05
CA LYS A 249 -16.61 22.51 -16.22
C LYS A 249 -17.17 21.97 -14.91
N GLY A 250 -16.35 21.86 -13.88
CA GLY A 250 -16.78 21.32 -12.61
C GLY A 250 -16.51 19.84 -12.42
N PHE A 251 -15.49 19.28 -13.09
CA PHE A 251 -15.15 17.86 -13.01
C PHE A 251 -13.90 17.64 -12.18
N PRO A 252 -13.75 16.47 -11.55
CA PRO A 252 -12.56 16.23 -10.71
C PRO A 252 -11.31 16.06 -11.55
N VAL A 253 -10.24 16.74 -11.14
CA VAL A 253 -8.94 16.64 -11.77
C VAL A 253 -7.89 16.48 -10.67
N LEU A 254 -6.62 16.43 -11.07
CA LEU A 254 -5.51 16.26 -10.16
C LEU A 254 -4.39 17.24 -10.49
N SER A 255 -3.63 17.61 -9.47
CA SER A 255 -2.49 18.49 -9.66
C SER A 255 -1.42 17.81 -10.49
N LYS A 256 -0.55 18.62 -11.10
CA LYS A 256 0.53 18.07 -11.91
C LYS A 256 1.47 17.20 -11.08
N MET A 257 1.61 17.48 -9.78
CA MET A 257 2.42 16.62 -8.93
C MET A 257 1.69 15.33 -8.61
N HIS A 258 0.38 15.40 -8.37
CA HIS A 258 -0.41 14.18 -8.17
C HIS A 258 -0.42 13.31 -9.42
N GLN A 259 -0.54 13.95 -10.59
CA GLN A 259 -0.44 13.20 -11.84
C GLN A 259 0.90 12.50 -11.96
N ARG A 260 1.98 13.16 -11.54
CA ARG A 260 3.31 12.55 -11.58
C ARG A 260 3.35 11.27 -10.75
N LEU A 261 2.63 11.25 -9.63
CA LEU A 261 2.58 10.05 -8.80
C LEU A 261 1.69 8.97 -9.41
N ILE A 262 0.58 9.38 -10.04
CA ILE A 262 -0.32 8.40 -10.66
C ILE A 262 0.40 7.63 -11.75
N PHE A 263 1.20 8.33 -12.57
CA PHE A 263 1.95 7.66 -13.62
C PHE A 263 2.99 6.71 -13.03
N ARG A 264 3.64 7.10 -11.94
CA ARG A 264 4.59 6.20 -11.27
C ARG A 264 3.90 4.94 -10.79
N LEU A 265 2.65 5.06 -10.32
CA LEU A 265 1.92 3.90 -9.84
C LEU A 265 1.44 3.02 -10.99
N LEU A 266 1.19 3.61 -12.16
CA LEU A 266 0.76 2.81 -13.31
C LEU A 266 1.83 1.84 -13.77
N LYS A 267 3.10 2.24 -13.64
CA LYS A 267 4.19 1.33 -14.00
C LYS A 267 4.22 0.12 -13.09
N LEU A 268 3.82 0.27 -11.83
CA LEU A 268 3.69 -0.87 -10.93
C LEU A 268 2.39 -1.63 -11.12
N GLU A 269 1.49 -1.13 -11.97
CA GLU A 269 0.19 -1.77 -12.25
C GLU A 269 -0.61 -1.98 -10.97
N VAL A 270 -0.63 -0.97 -10.11
CA VAL A 270 -1.38 -1.07 -8.86
C VAL A 270 -2.87 -0.85 -9.14
N GLN A 271 -3.69 -1.27 -8.19
CA GLN A 271 -5.13 -1.11 -8.26
C GLN A 271 -5.53 0.14 -7.47
N PHE A 272 -6.12 1.11 -8.16
CA PHE A 272 -6.51 2.36 -7.52
C PHE A 272 -7.88 2.22 -6.88
N ILE A 273 -8.01 2.73 -5.66
CA ILE A 273 -9.23 2.61 -4.87
C ILE A 273 -9.73 4.02 -4.57
N ILE A 274 -10.96 4.31 -4.98
CA ILE A 274 -11.59 5.60 -4.74
C ILE A 274 -12.42 5.51 -3.47
N THR A 275 -12.10 6.35 -2.48
CA THR A 275 -12.83 6.39 -1.23
C THR A 275 -13.37 7.79 -0.99
N GLY A 276 -14.39 7.86 -0.14
CA GLY A 276 -15.02 9.12 0.19
C GLY A 276 -16.29 9.37 -0.61
N THR A 277 -17.07 10.34 -0.15
CA THR A 277 -18.33 10.67 -0.80
C THR A 277 -18.07 11.52 -2.05
N ASN A 278 -19.14 11.78 -2.79
CA ASN A 278 -19.07 12.53 -4.03
C ASN A 278 -19.06 14.01 -3.71
N HIS A 279 -17.89 14.63 -3.78
CA HIS A 279 -17.73 16.06 -3.54
C HIS A 279 -17.92 16.90 -4.80
N HIS A 280 -18.16 16.28 -5.94
CA HIS A 280 -18.50 16.98 -7.17
C HIS A 280 -19.96 16.68 -7.52
N SER A 281 -20.87 17.28 -6.74
CA SER A 281 -22.29 16.92 -6.74
C SER A 281 -22.87 16.70 -8.13
N GLU A 282 -22.58 17.61 -9.06
CA GLU A 282 -23.19 17.54 -10.38
C GLU A 282 -22.80 16.27 -11.11
N LYS A 283 -21.50 16.10 -11.36
CA LYS A 283 -21.01 14.90 -12.02
C LYS A 283 -21.16 13.68 -11.12
N GLU A 284 -21.76 12.62 -11.64
CA GLU A 284 -22.04 11.44 -10.84
C GLU A 284 -20.73 10.71 -10.49
N PHE A 285 -20.87 9.58 -9.79
CA PHE A 285 -19.73 8.92 -9.18
C PHE A 285 -18.74 8.35 -10.18
N CYS A 286 -19.10 8.20 -11.44
CA CYS A 286 -18.17 7.66 -12.42
C CYS A 286 -17.16 8.68 -12.92
N SER A 287 -17.27 9.94 -12.49
CA SER A 287 -16.42 10.99 -13.05
C SER A 287 -14.98 10.87 -12.57
N TYR A 288 -14.79 10.56 -11.28
CA TYR A 288 -13.45 10.29 -10.78
C TYR A 288 -12.80 9.13 -11.52
N LEU A 289 -13.61 8.20 -12.01
CA LEU A 289 -13.08 6.99 -12.65
C LEU A 289 -12.54 7.30 -14.04
N GLN A 290 -13.35 7.98 -14.87
CA GLN A 290 -12.92 8.30 -16.23
C GLN A 290 -11.64 9.12 -16.24
N TYR A 291 -11.46 9.99 -15.24
CA TYR A 291 -10.27 10.82 -15.20
C TYR A 291 -9.00 9.98 -15.07
N LEU A 292 -9.06 8.91 -14.28
CA LEU A 292 -7.93 8.00 -14.19
C LEU A 292 -7.67 7.30 -15.51
N GLU A 293 -8.74 6.80 -16.15
CA GLU A 293 -8.59 6.20 -17.47
C GLU A 293 -8.07 7.22 -18.48
N TYR A 294 -8.50 8.48 -18.34
CA TYR A 294 -7.97 9.54 -19.21
C TYR A 294 -6.46 9.66 -19.07
N LEU A 295 -5.97 9.68 -17.83
CA LEU A 295 -4.52 9.68 -17.61
C LEU A 295 -3.89 8.39 -18.10
N SER A 296 -4.62 7.28 -18.04
CA SER A 296 -4.08 5.99 -18.46
C SER A 296 -4.06 5.84 -19.98
N GLN A 297 -4.85 6.62 -20.71
CA GLN A 297 -4.73 6.67 -22.15
C GLN A 297 -3.74 7.72 -22.62
N ASN A 298 -3.22 8.55 -21.72
CA ASN A 298 -2.31 9.64 -22.05
C ASN A 298 -0.97 9.40 -21.36
N ARG A 299 -0.22 8.43 -21.86
CA ARG A 299 1.13 8.16 -21.40
C ARG A 299 1.89 7.49 -22.53
N PRO A 300 3.21 7.60 -22.56
CA PRO A 300 3.97 7.11 -23.72
C PRO A 300 3.91 5.59 -23.81
N PRO A 301 3.52 5.07 -24.98
CA PRO A 301 3.48 3.61 -25.18
C PRO A 301 4.86 2.98 -25.06
N PRO A 302 4.95 1.67 -24.92
CA PRO A 302 6.26 1.04 -24.69
C PRO A 302 7.17 1.14 -25.91
N ASN A 303 8.46 1.21 -25.63
CA ASN A 303 9.50 1.31 -26.65
C ASN A 303 10.27 0.00 -26.70
N ALA A 304 10.08 -0.76 -27.79
CA ALA A 304 10.82 -1.98 -28.12
C ALA A 304 11.29 -2.76 -26.90
N TYR A 305 12.31 -2.23 -26.22
CA TYR A 305 12.80 -2.84 -24.98
C TYR A 305 11.67 -3.01 -23.97
N GLU A 306 10.90 -1.93 -23.74
CA GLU A 306 9.79 -2.00 -22.81
C GLU A 306 8.75 -3.01 -23.27
N LEU A 307 8.50 -3.08 -24.59
CA LEU A 307 7.47 -3.97 -25.10
C LEU A 307 7.89 -5.43 -24.99
N PHE A 308 9.11 -5.74 -25.44
CA PHE A 308 9.61 -7.11 -25.35
C PHE A 308 9.72 -7.58 -23.91
N ALA A 309 10.11 -6.68 -23.00
CA ALA A 309 10.32 -7.06 -21.61
C ALA A 309 9.03 -7.17 -20.81
N LYS A 310 7.89 -6.80 -21.40
CA LYS A 310 6.62 -6.89 -20.68
C LYS A 310 6.29 -8.34 -20.38
N GLY A 311 6.02 -8.64 -19.10
CA GLY A 311 5.76 -9.98 -18.63
C GLY A 311 6.86 -10.54 -17.76
N TYR A 312 8.11 -10.16 -18.03
CA TYR A 312 9.26 -10.64 -17.26
C TYR A 312 9.65 -9.71 -16.12
N GLU A 313 8.81 -8.73 -15.80
CA GLU A 313 9.14 -7.78 -14.74
C GLU A 313 9.33 -8.51 -13.42
N ASP A 314 10.54 -8.39 -12.86
CA ASP A 314 10.89 -9.00 -11.58
C ASP A 314 10.72 -10.51 -11.59
N TYR A 315 10.93 -11.13 -12.75
CA TYR A 315 10.89 -12.59 -12.90
C TYR A 315 12.32 -13.11 -12.84
N LEU A 316 12.62 -13.88 -11.81
CA LEU A 316 13.98 -14.40 -11.63
C LEU A 316 14.25 -15.53 -12.62
N GLN A 317 15.42 -15.49 -13.26
CA GLN A 317 15.86 -16.52 -14.17
C GLN A 317 17.29 -16.91 -13.85
N SER A 318 17.66 -18.13 -14.19
CA SER A 318 19.01 -18.60 -13.98
C SER A 318 19.91 -18.08 -15.10
N PRO A 319 21.09 -17.54 -14.78
CA PRO A 319 21.99 -17.06 -15.84
C PRO A 319 22.41 -18.18 -16.76
N LEU A 320 22.34 -17.92 -18.06
CA LEU A 320 22.73 -18.91 -19.05
C LEU A 320 24.21 -19.23 -18.94
N GLN A 321 24.55 -20.48 -19.23
CA GLN A 321 25.94 -20.94 -19.29
C GLN A 321 26.14 -21.63 -20.63
N PRO A 322 26.39 -20.85 -21.70
CA PRO A 322 26.58 -21.44 -23.03
C PRO A 322 27.80 -22.34 -23.12
N LEU A 323 28.70 -22.31 -22.13
CA LEU A 323 29.87 -23.19 -22.15
C LEU A 323 29.53 -24.56 -21.59
N MET A 324 29.11 -24.61 -20.32
CA MET A 324 28.80 -25.90 -19.69
C MET A 324 27.58 -26.55 -20.33
N ASP A 325 26.62 -25.76 -20.78
CA ASP A 325 25.39 -26.27 -21.36
C ASP A 325 25.32 -25.94 -22.85
N ASN A 326 24.58 -26.75 -23.59
CA ASN A 326 24.29 -26.50 -24.99
C ASN A 326 22.93 -25.84 -25.11
N LEU A 327 22.91 -24.62 -25.63
CA LEU A 327 21.68 -23.84 -25.69
C LEU A 327 20.69 -24.47 -26.67
N GLU A 328 19.40 -24.34 -26.34
CA GLU A 328 18.37 -24.92 -27.18
C GLU A 328 18.17 -24.07 -28.44
N SER A 329 17.31 -24.57 -29.34
CA SER A 329 17.08 -23.90 -30.61
C SER A 329 16.48 -22.52 -30.39
N GLN A 330 15.37 -22.45 -29.65
CA GLN A 330 14.69 -21.17 -29.43
C GLN A 330 15.54 -20.21 -28.61
N THR A 331 16.52 -20.71 -27.85
CA THR A 331 17.44 -19.83 -27.14
C THR A 331 18.27 -19.03 -28.12
N TYR A 332 18.82 -19.68 -29.15
CA TYR A 332 19.52 -18.95 -30.20
C TYR A 332 18.58 -18.05 -30.98
N GLU A 333 17.31 -18.45 -31.11
CA GLU A 333 16.34 -17.65 -31.84
C GLU A 333 16.12 -16.30 -31.16
N VAL A 334 16.08 -16.29 -29.83
CA VAL A 334 15.95 -15.03 -29.09
C VAL A 334 17.17 -14.16 -29.31
N PHE A 335 18.36 -14.79 -29.34
CA PHE A 335 19.59 -14.03 -29.58
C PHE A 335 19.55 -13.33 -30.93
N GLU A 336 19.05 -14.01 -31.96
CA GLU A 336 19.03 -13.50 -33.32
C GLU A 336 17.93 -12.47 -33.55
N LYS A 337 16.94 -12.38 -32.65
CA LYS A 337 15.83 -11.44 -32.79
C LYS A 337 16.20 -10.01 -32.39
N ASP A 338 17.47 -9.65 -32.49
CA ASP A 338 17.92 -8.30 -32.12
C ASP A 338 18.80 -7.74 -33.23
N PRO A 339 18.27 -6.86 -34.08
CA PRO A 339 19.10 -6.33 -35.17
C PRO A 339 20.14 -5.33 -34.71
N ILE A 340 19.86 -4.58 -33.63
CA ILE A 340 20.79 -3.56 -33.17
C ILE A 340 22.10 -4.18 -32.72
N LYS A 341 22.02 -5.31 -32.00
CA LYS A 341 23.24 -5.96 -31.51
C LYS A 341 24.14 -6.39 -32.65
N TYR A 342 23.57 -6.98 -33.69
CA TYR A 342 24.38 -7.49 -34.80
C TYR A 342 24.75 -6.41 -35.79
N SER A 343 23.93 -5.35 -35.90
CA SER A 343 24.33 -4.21 -36.72
C SER A 343 25.60 -3.56 -36.18
N GLN A 344 25.78 -3.58 -34.86
CA GLN A 344 27.01 -3.08 -34.27
C GLN A 344 28.19 -3.99 -34.61
N TYR A 345 27.98 -5.31 -34.54
CA TYR A 345 29.05 -6.25 -34.89
C TYR A 345 29.45 -6.10 -36.35
N GLN A 346 28.47 -6.02 -37.25
CA GLN A 346 28.77 -5.79 -38.65
C GLN A 346 29.51 -4.47 -38.84
N GLN A 347 29.13 -3.44 -38.09
CA GLN A 347 29.81 -2.16 -38.17
C GLN A 347 31.25 -2.26 -37.68
N ALA A 348 31.47 -2.97 -36.57
CA ALA A 348 32.81 -3.12 -36.03
C ALA A 348 33.70 -3.90 -36.98
N ILE A 349 33.18 -4.99 -37.56
CA ILE A 349 33.95 -5.74 -38.54
C ILE A 349 34.21 -4.89 -39.78
N TYR A 350 33.18 -4.17 -40.23
CA TYR A 350 33.33 -3.28 -41.39
C TYR A 350 34.39 -2.22 -41.14
N LYS A 351 34.56 -1.79 -39.89
CA LYS A 351 35.53 -0.76 -39.59
C LYS A 351 36.95 -1.34 -39.50
N CYS A 352 37.08 -2.53 -38.94
CA CYS A 352 38.41 -3.12 -38.75
C CYS A 352 39.02 -3.56 -40.08
N LEU A 353 38.19 -4.02 -41.02
CA LEU A 353 38.69 -4.47 -42.31
C LEU A 353 39.39 -3.34 -43.05
N LEU A 354 38.78 -2.14 -43.05
CA LEU A 354 39.38 -1.00 -43.73
C LEU A 354 40.70 -0.61 -43.07
N ASP A 355 40.76 -0.65 -41.74
CA ASP A 355 41.98 -0.25 -41.04
C ASP A 355 43.09 -1.28 -41.19
N ARG A 356 42.79 -2.50 -41.61
CA ARG A 356 43.81 -3.52 -41.78
C ARG A 356 44.20 -3.76 -43.23
N VAL A 357 43.27 -3.57 -44.16
CA VAL A 357 43.54 -3.76 -45.59
C VAL A 357 43.43 -2.39 -46.26
N PRO A 358 44.55 -1.82 -46.71
CA PRO A 358 44.48 -0.54 -47.42
C PRO A 358 43.81 -0.71 -48.78
N GLU A 359 43.54 0.44 -49.41
CA GLU A 359 42.80 0.43 -50.67
C GLU A 359 43.60 -0.26 -51.78
N GLU A 360 44.91 -0.07 -51.81
CA GLU A 360 45.73 -0.70 -52.84
C GLU A 360 45.85 -2.20 -52.67
N GLU A 361 45.45 -2.74 -51.52
CA GLU A 361 45.48 -4.17 -51.27
C GLU A 361 44.08 -4.78 -51.18
N LYS A 362 43.07 -4.12 -51.75
CA LYS A 362 41.70 -4.58 -51.61
C LYS A 362 41.46 -5.90 -52.33
N ASP A 363 42.26 -6.19 -53.36
CA ASP A 363 42.08 -7.41 -54.15
C ASP A 363 43.13 -8.48 -53.89
N THR A 364 44.17 -8.18 -53.13
CA THR A 364 45.25 -9.12 -52.86
C THR A 364 45.25 -9.64 -51.43
N ASN A 365 45.00 -8.78 -50.43
CA ASN A 365 45.02 -9.19 -49.03
C ASN A 365 43.65 -9.76 -48.65
N VAL A 366 43.64 -11.01 -48.20
CA VAL A 366 42.43 -11.66 -47.72
C VAL A 366 42.58 -11.86 -46.22
N GLN A 367 41.64 -11.34 -45.45
CA GLN A 367 41.70 -11.44 -44.00
C GLN A 367 41.11 -12.76 -43.52
N VAL A 368 41.63 -13.25 -42.41
CA VAL A 368 41.20 -14.52 -41.82
C VAL A 368 40.36 -14.20 -40.60
N LEU A 369 39.05 -14.44 -40.70
CA LEU A 369 38.13 -14.22 -39.60
C LEU A 369 37.72 -15.55 -39.00
N MET A 370 37.59 -15.57 -37.67
CA MET A 370 37.22 -16.79 -36.94
C MET A 370 36.15 -16.42 -35.92
N VAL A 371 34.90 -16.74 -36.24
CA VAL A 371 33.79 -16.51 -35.32
C VAL A 371 33.84 -17.59 -34.25
N LEU A 372 34.24 -17.21 -33.03
CA LEU A 372 34.40 -18.16 -31.93
C LEU A 372 33.09 -18.23 -31.17
N GLY A 373 32.32 -19.28 -31.41
CA GLY A 373 30.99 -19.40 -30.86
C GLY A 373 29.93 -18.87 -31.79
N ALA A 374 29.88 -19.43 -33.01
CA ALA A 374 29.00 -18.94 -34.06
C ALA A 374 27.53 -19.27 -33.84
N GLY A 375 27.22 -20.27 -33.02
CA GLY A 375 25.82 -20.61 -32.78
C GLY A 375 25.16 -21.09 -34.06
N ARG A 376 24.08 -20.42 -34.46
CA ARG A 376 23.38 -20.74 -35.70
C ARG A 376 23.82 -19.85 -36.85
N GLY A 377 24.85 -19.03 -36.65
CA GLY A 377 25.43 -18.21 -37.68
C GLY A 377 24.80 -16.84 -37.89
N PRO A 378 24.68 -16.03 -36.82
CA PRO A 378 24.28 -14.63 -37.04
C PRO A 378 25.47 -13.72 -37.29
N LEU A 379 26.59 -14.01 -36.62
CA LEU A 379 27.82 -13.24 -36.85
C LEU A 379 28.48 -13.62 -38.17
N VAL A 380 28.31 -14.86 -38.60
CA VAL A 380 28.86 -15.29 -39.90
C VAL A 380 28.24 -14.46 -41.02
N ASN A 381 26.92 -14.31 -40.99
CA ASN A 381 26.26 -13.46 -41.98
C ASN A 381 26.64 -12.00 -41.78
N ALA A 382 26.77 -11.56 -40.52
CA ALA A 382 27.19 -10.19 -40.26
C ALA A 382 28.60 -9.93 -40.76
N SER A 383 29.47 -10.96 -40.73
CA SER A 383 30.81 -10.81 -41.30
C SER A 383 30.75 -10.75 -42.82
N LEU A 384 29.91 -11.58 -43.44
CA LEU A 384 29.76 -11.55 -44.89
C LEU A 384 29.21 -10.20 -45.35
N ARG A 385 28.23 -9.66 -44.62
CA ARG A 385 27.68 -8.36 -44.98
C ARG A 385 28.69 -7.25 -44.76
N ALA A 386 29.55 -7.38 -43.74
CA ALA A 386 30.55 -6.35 -43.47
C ALA A 386 31.60 -6.31 -44.59
N ALA A 387 32.07 -7.47 -45.03
CA ALA A 387 33.07 -7.50 -46.10
C ALA A 387 32.50 -6.99 -47.41
N LYS A 388 31.18 -7.14 -47.61
CA LYS A 388 30.56 -6.64 -48.84
C LYS A 388 30.57 -5.11 -48.88
N GLN A 389 30.01 -4.46 -47.86
CA GLN A 389 29.97 -3.01 -47.84
C GLN A 389 31.35 -2.39 -47.69
N ALA A 390 32.35 -3.17 -47.28
CA ALA A 390 33.72 -2.69 -47.18
C ALA A 390 34.56 -3.04 -48.39
N ASP A 391 34.06 -3.87 -49.30
CA ASP A 391 34.77 -4.27 -50.51
C ASP A 391 36.12 -4.91 -50.19
N ARG A 392 36.08 -5.90 -49.29
CA ARG A 392 37.27 -6.62 -48.88
C ARG A 392 36.99 -8.12 -48.89
N ARG A 393 38.05 -8.89 -49.09
CA ARG A 393 37.97 -10.35 -49.15
C ARG A 393 38.32 -10.95 -47.80
N ILE A 394 37.52 -11.93 -47.37
CA ILE A 394 37.72 -12.58 -46.08
C ILE A 394 37.58 -14.10 -46.24
N LYS A 395 38.19 -14.83 -45.31
CA LYS A 395 38.08 -16.27 -45.21
C LYS A 395 37.54 -16.60 -43.82
N LEU A 396 36.33 -17.16 -43.77
CA LEU A 396 35.62 -17.34 -42.51
C LEU A 396 35.86 -18.72 -41.93
N TYR A 397 35.95 -18.77 -40.59
CA TYR A 397 36.00 -20.01 -39.82
C TYR A 397 34.94 -19.92 -38.74
N ALA A 398 33.89 -20.73 -38.87
CA ALA A 398 32.78 -20.73 -37.92
C ALA A 398 33.04 -21.83 -36.89
N VAL A 399 33.63 -21.44 -35.76
CA VAL A 399 33.95 -22.38 -34.69
C VAL A 399 32.80 -22.39 -33.68
N GLU A 400 32.20 -23.57 -33.48
CA GLU A 400 31.13 -23.76 -32.51
C GLU A 400 31.27 -25.13 -31.89
N LYS A 401 31.08 -25.20 -30.57
CA LYS A 401 31.22 -26.46 -29.84
C LYS A 401 29.90 -27.20 -29.65
N ASN A 402 28.78 -26.48 -29.63
CA ASN A 402 27.47 -27.12 -29.47
C ASN A 402 27.15 -27.94 -30.72
N PRO A 403 27.13 -29.27 -30.65
CA PRO A 403 26.92 -30.07 -31.87
C PRO A 403 25.54 -29.86 -32.49
N ASN A 404 24.54 -29.48 -31.69
CA ASN A 404 23.21 -29.25 -32.24
C ASN A 404 23.19 -28.00 -33.11
N ALA A 405 23.94 -26.96 -32.72
CA ALA A 405 23.98 -25.74 -33.52
C ALA A 405 24.84 -25.92 -34.76
N VAL A 406 25.81 -26.82 -34.72
CA VAL A 406 26.65 -27.10 -35.89
C VAL A 406 25.79 -27.63 -37.04
N VAL A 407 24.70 -28.33 -36.71
CA VAL A 407 23.78 -28.80 -37.75
C VAL A 407 23.19 -27.63 -38.52
N THR A 408 22.86 -26.54 -37.82
CA THR A 408 22.34 -25.36 -38.49
C THR A 408 23.42 -24.69 -39.32
N LEU A 409 24.66 -24.66 -38.83
CA LEU A 409 25.75 -24.04 -39.57
C LEU A 409 26.07 -24.81 -40.84
N GLU A 410 26.22 -26.13 -40.73
CA GLU A 410 26.58 -26.94 -41.89
C GLU A 410 25.46 -26.96 -42.92
N ASN A 411 24.20 -26.88 -42.48
CA ASN A 411 23.10 -26.69 -43.42
C ASN A 411 23.17 -25.31 -44.07
N TRP A 412 23.49 -24.28 -43.28
CA TRP A 412 23.71 -22.95 -43.83
C TRP A 412 24.91 -22.94 -44.78
N GLN A 413 25.97 -23.65 -44.42
CA GLN A 413 27.19 -23.63 -45.21
C GLN A 413 27.01 -24.30 -46.57
N PHE A 414 26.12 -25.29 -46.65
CA PHE A 414 25.94 -26.01 -47.90
C PHE A 414 24.99 -25.28 -48.84
N GLU A 415 23.88 -24.75 -48.32
CA GLU A 415 22.86 -24.17 -49.19
C GLU A 415 23.22 -22.77 -49.66
N GLU A 416 23.81 -21.95 -48.78
CA GLU A 416 24.03 -20.54 -49.08
C GLU A 416 25.51 -20.17 -49.05
N TRP A 417 26.18 -20.31 -47.91
CA TRP A 417 27.56 -19.84 -47.75
C TRP A 417 28.50 -20.49 -48.76
N GLY A 418 28.77 -21.78 -48.59
CA GLY A 418 29.64 -22.49 -49.51
C GLY A 418 31.06 -22.64 -49.00
N SER A 419 32.02 -22.72 -49.92
CA SER A 419 33.41 -22.90 -49.56
C SER A 419 34.00 -21.68 -48.85
N GLN A 420 33.30 -20.55 -48.85
CA GLN A 420 33.83 -19.34 -48.21
C GLN A 420 33.89 -19.52 -46.69
N VAL A 421 32.86 -20.11 -46.10
CA VAL A 421 32.80 -20.35 -44.66
C VAL A 421 33.26 -21.78 -44.38
N THR A 422 34.11 -21.92 -43.36
CA THR A 422 34.63 -23.23 -42.94
C THR A 422 34.14 -23.50 -41.53
N VAL A 423 33.15 -24.38 -41.40
CA VAL A 423 32.58 -24.71 -40.10
C VAL A 423 33.51 -25.65 -39.37
N VAL A 424 33.77 -25.35 -38.09
CA VAL A 424 34.63 -26.14 -37.23
C VAL A 424 33.84 -26.53 -36.00
N SER A 425 33.57 -27.83 -35.83
CA SER A 425 32.80 -28.33 -34.70
C SER A 425 33.76 -28.80 -33.61
N SER A 426 34.21 -27.84 -32.80
CA SER A 426 35.15 -28.12 -31.73
C SER A 426 35.11 -26.98 -30.72
N ASP A 427 35.80 -27.19 -29.60
CA ASP A 427 35.98 -26.15 -28.61
C ASP A 427 37.12 -25.24 -29.04
N MET A 428 36.91 -23.92 -28.87
CA MET A 428 37.93 -22.96 -29.30
C MET A 428 39.22 -23.08 -28.49
N ARG A 429 39.15 -23.70 -27.31
CA ARG A 429 40.36 -23.90 -26.51
C ARG A 429 41.14 -25.12 -26.94
N GLU A 430 40.47 -26.14 -27.49
CA GLU A 430 41.12 -27.36 -27.94
C GLU A 430 41.43 -27.36 -29.43
N TRP A 431 40.71 -26.57 -30.22
CA TRP A 431 40.85 -26.62 -31.67
C TRP A 431 42.23 -26.16 -32.10
N VAL A 432 42.86 -26.93 -32.98
CA VAL A 432 44.15 -26.61 -33.56
C VAL A 432 43.88 -26.00 -34.94
N ALA A 433 44.03 -24.69 -35.04
CA ALA A 433 43.69 -24.01 -36.27
C ALA A 433 44.72 -24.31 -37.36
N PRO A 434 44.29 -24.35 -38.63
CA PRO A 434 45.26 -24.54 -39.72
C PRO A 434 46.10 -23.29 -39.97
N GLU A 435 45.54 -22.10 -39.73
CA GLU A 435 46.26 -20.85 -39.89
C GLU A 435 45.89 -19.93 -38.75
N LYS A 436 46.53 -18.76 -38.70
CA LYS A 436 46.24 -17.77 -37.67
C LYS A 436 45.33 -16.69 -38.23
N ALA A 437 44.48 -16.16 -37.35
CA ALA A 437 43.42 -15.25 -37.75
C ALA A 437 43.85 -13.80 -37.64
N ASP A 438 43.37 -12.98 -38.56
CA ASP A 438 43.51 -11.54 -38.45
C ASP A 438 42.51 -10.96 -37.45
N ILE A 439 41.28 -11.46 -37.45
CA ILE A 439 40.22 -10.97 -36.59
C ILE A 439 39.48 -12.16 -36.00
N ILE A 440 39.12 -12.08 -34.73
CA ILE A 440 38.29 -13.08 -34.07
C ILE A 440 37.07 -12.38 -33.50
N VAL A 441 35.89 -12.87 -33.84
CA VAL A 441 34.62 -12.28 -33.41
C VAL A 441 33.92 -13.28 -32.49
N SER A 442 33.41 -12.78 -31.37
CA SER A 442 32.77 -13.65 -30.39
C SER A 442 31.68 -12.88 -29.66
N GLU A 443 30.60 -13.58 -29.32
CA GLU A 443 29.54 -13.01 -28.51
C GLU A 443 29.34 -13.83 -27.25
N LEU A 444 30.43 -14.09 -26.53
CA LEU A 444 30.42 -14.96 -25.36
C LEU A 444 30.14 -14.21 -24.07
N LEU A 445 29.44 -13.08 -24.15
CA LEU A 445 29.20 -12.21 -23.00
C LEU A 445 27.79 -12.43 -22.47
N GLY A 446 27.67 -12.45 -21.14
CA GLY A 446 26.40 -12.53 -20.48
C GLY A 446 25.92 -11.17 -20.01
N SER A 447 25.02 -11.19 -19.02
CA SER A 447 24.52 -9.95 -18.45
C SER A 447 25.54 -9.28 -17.54
N PHE A 448 26.41 -10.06 -16.90
CA PHE A 448 27.48 -9.53 -16.06
C PHE A 448 28.83 -9.61 -16.77
N ALA A 449 28.84 -9.29 -18.07
CA ALA A 449 30.03 -9.33 -18.91
C ALA A 449 30.68 -10.70 -18.95
N ASP A 450 31.45 -11.03 -17.92
CA ASP A 450 32.29 -12.23 -17.92
C ASP A 450 31.65 -13.43 -17.24
N ASN A 451 30.37 -13.35 -16.90
CA ASN A 451 29.73 -14.45 -16.18
C ASN A 451 29.60 -15.72 -17.02
N GLU A 452 29.78 -15.64 -18.34
CA GLU A 452 29.77 -16.81 -19.21
C GLU A 452 31.16 -17.30 -19.56
N LEU A 453 32.17 -16.88 -18.80
CA LEU A 453 33.56 -17.31 -18.96
C LEU A 453 34.13 -16.92 -20.32
N SER A 454 33.71 -15.76 -20.83
CA SER A 454 34.34 -15.21 -22.03
C SER A 454 35.85 -15.01 -21.89
N PRO A 455 36.40 -14.55 -20.76
CA PRO A 455 37.86 -14.45 -20.68
C PRO A 455 38.58 -15.78 -20.83
N GLU A 456 38.07 -16.85 -20.21
CA GLU A 456 38.72 -18.15 -20.29
C GLU A 456 38.71 -18.70 -21.71
N CYS A 457 37.61 -18.49 -22.43
CA CYS A 457 37.50 -19.00 -23.80
C CYS A 457 38.48 -18.29 -24.73
N LEU A 458 38.48 -16.96 -24.71
CA LEU A 458 39.36 -16.20 -25.59
C LEU A 458 40.82 -16.40 -25.23
N ASP A 459 41.13 -16.56 -23.94
CA ASP A 459 42.51 -16.83 -23.54
C ASP A 459 43.01 -18.15 -24.11
N GLY A 460 42.17 -19.20 -24.03
CA GLY A 460 42.56 -20.47 -24.61
C GLY A 460 42.66 -20.42 -26.12
N ALA A 461 41.84 -19.59 -26.75
CA ALA A 461 41.84 -19.41 -28.20
C ALA A 461 42.81 -18.31 -28.66
N GLN A 462 43.62 -17.78 -27.74
CA GLN A 462 44.51 -16.67 -28.05
C GLN A 462 45.77 -17.10 -28.81
N HIS A 463 46.04 -18.40 -28.90
CA HIS A 463 47.30 -18.84 -29.50
C HIS A 463 47.26 -18.73 -31.03
N PHE A 464 46.13 -19.03 -31.66
CA PHE A 464 46.03 -18.96 -33.11
C PHE A 464 45.58 -17.60 -33.61
N LEU A 465 45.83 -16.54 -32.84
CA LEU A 465 45.61 -15.17 -33.28
C LEU A 465 46.96 -14.56 -33.65
N LYS A 466 47.01 -13.87 -34.78
CA LYS A 466 48.24 -13.26 -35.24
C LYS A 466 48.77 -12.26 -34.22
N ASP A 467 50.08 -12.00 -34.29
CA ASP A 467 50.69 -11.05 -33.35
C ASP A 467 50.06 -9.66 -33.46
N ASP A 468 49.57 -9.30 -34.64
CA ASP A 468 48.85 -8.05 -34.85
C ASP A 468 47.34 -8.26 -34.96
N GLY A 469 46.83 -9.34 -34.37
CA GLY A 469 45.42 -9.64 -34.52
C GLY A 469 44.54 -8.70 -33.72
N VAL A 470 43.27 -8.64 -34.12
CA VAL A 470 42.26 -7.81 -33.49
C VAL A 470 41.20 -8.72 -32.89
N SER A 471 40.79 -8.42 -31.66
CA SER A 471 39.76 -9.19 -30.96
C SER A 471 38.49 -8.36 -30.88
N ILE A 472 37.38 -8.93 -31.37
CA ILE A 472 36.09 -8.27 -31.27
C ILE A 472 35.17 -9.16 -30.43
N PRO A 473 34.73 -8.71 -29.25
CA PRO A 473 34.96 -7.39 -28.63
C PRO A 473 36.39 -7.23 -28.11
N GLY A 474 36.89 -5.99 -28.05
CA GLY A 474 38.23 -5.77 -27.56
C GLY A 474 38.33 -5.75 -26.05
N GLU A 475 37.28 -5.29 -25.37
CA GLU A 475 37.26 -5.27 -23.92
C GLU A 475 35.82 -5.19 -23.45
N TYR A 476 35.59 -5.62 -22.22
CA TYR A 476 34.29 -5.52 -21.59
C TYR A 476 34.48 -5.29 -20.09
N THR A 477 33.47 -4.65 -19.47
CA THR A 477 33.54 -4.26 -18.07
C THR A 477 32.19 -4.50 -17.42
N SER A 478 32.21 -5.01 -16.20
CA SER A 478 30.99 -5.23 -15.43
C SER A 478 30.73 -4.03 -14.53
N PHE A 479 29.45 -3.80 -14.22
CA PHE A 479 29.02 -2.68 -13.40
C PHE A 479 28.07 -3.16 -12.30
N LEU A 480 28.27 -2.64 -11.10
CA LEU A 480 27.43 -2.96 -9.95
C LEU A 480 26.81 -1.71 -9.36
N ALA A 481 25.60 -1.86 -8.82
CA ALA A 481 24.90 -0.78 -8.18
C ALA A 481 24.02 -1.33 -7.07
N PRO A 482 24.10 -0.78 -5.86
CA PRO A 482 23.24 -1.28 -4.79
C PRO A 482 21.79 -0.90 -5.03
N ILE A 483 20.89 -1.86 -4.75
CA ILE A 483 19.47 -1.67 -4.98
C ILE A 483 18.71 -1.98 -3.70
N SER A 484 17.45 -1.54 -3.67
CA SER A 484 16.54 -1.78 -2.56
C SER A 484 15.21 -2.24 -3.14
N SER A 485 14.80 -3.46 -2.80
CA SER A 485 13.53 -3.98 -3.28
C SER A 485 13.10 -5.10 -2.33
N SER A 486 12.20 -4.76 -1.41
CA SER A 486 11.65 -5.78 -0.52
C SER A 486 10.89 -6.85 -1.29
N LYS A 487 10.38 -6.49 -2.48
CA LYS A 487 9.69 -7.47 -3.32
C LYS A 487 10.66 -8.52 -3.83
N LEU A 488 11.75 -8.09 -4.48
CA LEU A 488 12.70 -9.02 -5.04
C LEU A 488 13.39 -9.85 -3.97
N TYR A 489 13.60 -9.28 -2.78
CA TYR A 489 14.16 -10.05 -1.68
C TYR A 489 13.24 -11.22 -1.32
N ASN A 490 11.92 -11.01 -1.37
CA ASN A 490 10.99 -12.11 -1.13
C ASN A 490 11.02 -13.11 -2.28
N GLU A 491 11.24 -12.64 -3.51
CA GLU A 491 11.32 -13.55 -4.64
C GLU A 491 12.46 -14.55 -4.46
N VAL A 492 13.64 -14.06 -4.09
CA VAL A 492 14.77 -14.95 -3.82
C VAL A 492 14.50 -15.80 -2.58
N ARG A 493 13.91 -15.19 -1.55
CA ARG A 493 13.65 -15.90 -0.30
C ARG A 493 12.71 -17.08 -0.51
N ALA A 494 11.87 -17.02 -1.53
CA ALA A 494 10.94 -18.09 -1.85
C ALA A 494 11.54 -19.18 -2.71
N CYS A 495 12.82 -19.07 -3.07
CA CYS A 495 13.50 -20.04 -3.93
C CYS A 495 14.33 -21.03 -3.13
N ARG A 496 13.86 -21.43 -1.96
CA ARG A 496 14.54 -22.47 -1.18
C ARG A 496 14.09 -23.84 -1.67
N GLU A 497 15.06 -24.72 -1.91
CA GLU A 497 14.79 -26.04 -2.48
C GLU A 497 14.99 -27.13 -1.44
N LYS A 498 14.51 -28.32 -1.77
CA LYS A 498 14.46 -29.45 -0.84
C LYS A 498 15.84 -29.94 -0.43
N ASP A 499 16.59 -30.48 -1.39
CA ASP A 499 17.82 -31.20 -1.08
C ASP A 499 19.06 -30.32 -1.33
N ARG A 500 19.09 -29.17 -0.66
CA ARG A 500 20.24 -28.29 -0.72
C ARG A 500 20.20 -27.34 0.47
N ASP A 501 21.21 -26.47 0.55
CA ASP A 501 21.32 -25.54 1.67
C ASP A 501 20.10 -24.64 1.71
N PRO A 502 19.48 -24.43 2.88
CA PRO A 502 18.31 -23.54 2.95
C PRO A 502 18.61 -22.09 2.61
N GLU A 503 19.88 -21.67 2.62
CA GLU A 503 20.26 -20.30 2.30
C GLU A 503 21.01 -20.20 0.98
N ALA A 504 21.03 -21.27 0.18
CA ALA A 504 21.80 -21.24 -1.07
C ALA A 504 21.20 -20.28 -2.08
N GLN A 505 19.89 -20.02 -2.00
CA GLN A 505 19.24 -19.14 -2.97
C GLN A 505 19.77 -17.71 -2.89
N PHE A 506 20.31 -17.30 -1.75
CA PHE A 506 20.90 -15.97 -1.61
C PHE A 506 22.36 -15.91 -2.06
N GLU A 507 22.95 -17.05 -2.43
CA GLU A 507 24.35 -17.12 -2.83
C GLU A 507 24.50 -17.48 -4.30
N MET A 508 23.58 -17.00 -5.14
CA MET A 508 23.65 -17.26 -6.57
C MET A 508 22.97 -16.09 -7.29
N PRO A 509 23.48 -15.68 -8.44
CA PRO A 509 22.89 -14.56 -9.17
C PRO A 509 21.65 -15.01 -9.95
N TYR A 510 20.89 -14.00 -10.40
CA TYR A 510 19.68 -14.23 -11.18
C TYR A 510 19.60 -13.18 -12.28
N VAL A 511 19.28 -13.62 -13.50
CA VAL A 511 19.02 -12.71 -14.61
C VAL A 511 17.54 -12.33 -14.53
N VAL A 512 17.27 -11.06 -14.26
CA VAL A 512 15.91 -10.60 -14.01
C VAL A 512 15.74 -9.21 -14.58
N ARG A 513 14.56 -8.96 -15.17
CA ARG A 513 14.19 -7.61 -15.61
C ARG A 513 13.79 -6.83 -14.36
N LEU A 514 14.73 -6.03 -13.85
CA LEU A 514 14.49 -5.24 -12.65
C LEU A 514 13.37 -4.23 -12.90
N HIS A 515 12.37 -4.26 -12.02
CA HIS A 515 11.19 -3.41 -12.19
C HIS A 515 10.86 -2.69 -10.89
N ASN A 516 10.20 -3.38 -9.97
CA ASN A 516 9.82 -2.80 -8.67
C ASN A 516 11.03 -2.83 -7.76
N PHE A 517 11.89 -1.82 -7.91
CA PHE A 517 13.11 -1.72 -7.14
C PHE A 517 13.52 -0.25 -7.04
N HIS A 518 14.63 -0.01 -6.35
CA HIS A 518 15.14 1.34 -6.13
C HIS A 518 16.66 1.29 -6.18
N GLN A 519 17.25 1.96 -7.18
CA GLN A 519 18.69 2.03 -7.27
C GLN A 519 19.21 3.06 -6.26
N LEU A 520 20.10 2.62 -5.37
CA LEU A 520 20.55 3.46 -4.27
C LEU A 520 21.77 4.30 -4.59
N SER A 521 22.48 3.98 -5.66
CA SER A 521 23.68 4.73 -6.02
C SER A 521 23.99 4.48 -7.50
N ALA A 522 24.71 5.42 -8.08
CA ALA A 522 25.11 5.28 -9.48
C ALA A 522 26.05 4.09 -9.63
N PRO A 523 25.89 3.29 -10.67
CA PRO A 523 26.74 2.10 -10.82
C PRO A 523 28.19 2.45 -11.08
N GLN A 524 29.08 1.60 -10.57
CA GLN A 524 30.52 1.75 -10.72
C GLN A 524 31.12 0.51 -11.37
N PRO A 525 32.23 0.65 -12.08
CA PRO A 525 32.82 -0.52 -12.76
C PRO A 525 33.36 -1.54 -11.77
N CYS A 526 33.22 -2.82 -12.13
CA CYS A 526 33.65 -3.88 -11.23
C CYS A 526 34.84 -4.64 -11.81
N PHE A 527 34.58 -5.46 -12.82
CA PHE A 527 35.59 -6.30 -13.45
C PHE A 527 35.77 -5.90 -14.90
N THR A 528 37.02 -5.80 -15.34
CA THR A 528 37.37 -5.44 -16.71
C THR A 528 38.32 -6.48 -17.28
N PHE A 529 38.12 -6.82 -18.55
CA PHE A 529 38.98 -7.78 -19.24
C PHE A 529 39.34 -7.24 -20.61
N SER A 530 40.58 -7.47 -21.03
CA SER A 530 41.09 -7.01 -22.31
C SER A 530 41.46 -8.20 -23.18
N HIS A 531 41.20 -8.08 -24.49
CA HIS A 531 41.53 -9.13 -25.43
C HIS A 531 42.07 -8.48 -26.70
N PRO A 532 43.26 -8.90 -27.18
CA PRO A 532 44.13 -9.96 -26.65
C PRO A 532 44.83 -9.57 -25.34
N ASN A 533 44.97 -10.51 -24.42
CA ASN A 533 45.64 -10.26 -23.14
C ASN A 533 47.12 -10.53 -23.31
N ARG A 534 47.90 -9.45 -23.38
CA ARG A 534 49.34 -9.51 -23.54
C ARG A 534 50.10 -9.61 -22.22
N ASP A 535 49.41 -9.43 -21.10
CA ASP A 535 50.08 -9.29 -19.81
C ASP A 535 50.71 -10.61 -19.37
N PRO A 536 51.88 -10.56 -18.73
CA PRO A 536 52.44 -11.77 -18.10
C PRO A 536 51.68 -12.20 -16.86
N MET A 537 50.83 -11.35 -16.30
CA MET A 537 49.98 -11.72 -15.17
C MET A 537 48.65 -12.28 -15.64
N ILE A 538 48.69 -13.23 -16.58
CA ILE A 538 47.48 -13.87 -17.07
C ILE A 538 46.81 -14.54 -15.87
N ASP A 539 45.76 -13.90 -15.37
CA ASP A 539 45.04 -14.37 -14.20
C ASP A 539 43.69 -13.67 -14.20
N ASN A 540 42.64 -14.43 -14.45
CA ASN A 540 41.28 -13.89 -14.48
C ASN A 540 40.65 -13.80 -13.09
N ASN A 541 41.40 -14.10 -12.03
CA ASN A 541 40.87 -13.89 -10.69
C ASN A 541 40.88 -12.40 -10.37
N ARG A 542 39.78 -11.92 -9.79
CA ARG A 542 39.60 -10.51 -9.52
C ARG A 542 39.16 -10.29 -8.09
N TYR A 543 39.59 -9.15 -7.53
CA TYR A 543 39.16 -8.70 -6.21
C TYR A 543 38.97 -7.19 -6.30
N CYS A 544 37.72 -6.76 -6.20
CA CYS A 544 37.36 -5.36 -6.34
C CYS A 544 36.64 -4.88 -5.09
N THR A 545 36.86 -3.61 -4.75
CA THR A 545 36.22 -2.97 -3.61
C THR A 545 35.51 -1.71 -4.09
N LEU A 546 34.22 -1.59 -3.78
CA LEU A 546 33.41 -0.48 -4.23
C LEU A 546 32.74 0.20 -3.04
N GLU A 547 32.64 1.53 -3.11
CA GLU A 547 32.01 2.33 -2.07
C GLU A 547 30.95 3.22 -2.73
N PHE A 548 29.70 3.05 -2.31
CA PHE A 548 28.58 3.76 -2.93
C PHE A 548 28.05 4.81 -1.98
N PRO A 549 28.17 6.10 -2.31
CA PRO A 549 27.57 7.15 -1.46
C PRO A 549 26.06 7.08 -1.55
N VAL A 550 25.41 6.85 -0.41
CA VAL A 550 23.96 6.76 -0.32
C VAL A 550 23.45 8.06 0.29
N GLU A 551 22.57 8.75 -0.44
CA GLU A 551 22.04 10.04 -0.02
C GLU A 551 20.62 9.95 0.52
N VAL A 552 20.12 8.74 0.81
CA VAL A 552 18.78 8.54 1.33
C VAL A 552 18.81 7.43 2.38
N ASN A 553 17.73 7.34 3.14
CA ASN A 553 17.52 6.22 4.04
C ASN A 553 16.78 5.11 3.32
N THR A 554 17.23 3.87 3.51
CA THR A 554 16.66 2.73 2.80
C THR A 554 17.20 1.45 3.44
N VAL A 555 16.80 0.32 2.86
CA VAL A 555 17.25 -1.00 3.28
C VAL A 555 17.88 -1.70 2.09
N LEU A 556 19.12 -2.17 2.25
CA LEU A 556 19.84 -2.83 1.17
C LEU A 556 19.41 -4.28 1.05
N HIS A 557 19.08 -4.70 -0.17
CA HIS A 557 18.68 -6.07 -0.45
C HIS A 557 19.59 -6.79 -1.44
N GLY A 558 20.25 -6.07 -2.33
CA GLY A 558 21.12 -6.71 -3.29
C GLY A 558 21.86 -5.70 -4.12
N PHE A 559 22.53 -6.20 -5.16
CA PHE A 559 23.32 -5.36 -6.05
C PHE A 559 22.97 -5.67 -7.50
N ALA A 560 22.60 -4.64 -8.25
CA ALA A 560 22.30 -4.81 -9.66
C ALA A 560 23.57 -4.97 -10.46
N GLY A 561 23.50 -5.79 -11.50
CA GLY A 561 24.65 -6.07 -12.35
C GLY A 561 24.38 -5.63 -13.78
N TYR A 562 25.37 -4.98 -14.39
CA TYR A 562 25.30 -4.54 -15.77
C TYR A 562 26.65 -4.81 -16.42
N PHE A 563 26.78 -4.42 -17.68
CA PHE A 563 28.06 -4.58 -18.35
C PHE A 563 28.12 -3.66 -19.56
N GLU A 564 29.34 -3.25 -19.91
CA GLU A 564 29.63 -2.55 -21.15
C GLU A 564 30.72 -3.30 -21.89
N THR A 565 30.74 -3.16 -23.21
CA THR A 565 31.76 -3.82 -24.02
C THR A 565 32.12 -2.95 -25.20
N VAL A 566 33.38 -3.05 -25.62
CA VAL A 566 33.91 -2.31 -26.75
C VAL A 566 34.16 -3.30 -27.89
N LEU A 567 33.32 -3.24 -28.92
CA LEU A 567 33.51 -4.10 -30.08
C LEU A 567 34.76 -3.70 -30.85
N TYR A 568 34.85 -2.44 -31.26
CA TYR A 568 36.01 -1.92 -31.96
C TYR A 568 35.99 -0.40 -31.91
N GLN A 569 37.01 0.19 -31.27
CA GLN A 569 37.15 1.63 -31.13
C GLN A 569 35.94 2.26 -30.46
N ASP A 570 35.04 2.85 -31.26
CA ASP A 570 33.88 3.54 -30.71
C ASP A 570 32.60 2.72 -30.77
N ILE A 571 32.57 1.65 -31.57
CA ILE A 571 31.40 0.79 -31.62
C ILE A 571 31.30 0.01 -30.31
N THR A 572 30.21 0.21 -29.59
CA THR A 572 30.07 -0.37 -28.25
C THR A 572 28.66 -0.92 -28.06
N LEU A 573 28.55 -1.85 -27.12
CA LEU A 573 27.28 -2.36 -26.63
C LEU A 573 27.26 -2.25 -25.12
N SER A 574 26.07 -2.00 -24.56
CA SER A 574 25.98 -1.75 -23.12
C SER A 574 24.55 -1.95 -22.65
N ILE A 575 24.41 -2.51 -21.45
CA ILE A 575 23.14 -2.55 -20.74
C ILE A 575 23.14 -1.63 -19.52
N ARG A 576 24.22 -0.91 -19.29
CA ARG A 576 24.30 0.08 -18.23
C ARG A 576 23.28 1.18 -18.49
N PRO A 577 22.29 1.37 -17.60
CA PRO A 577 21.14 2.23 -17.95
C PRO A 577 21.50 3.62 -18.43
N GLU A 578 22.51 4.27 -17.84
CA GLU A 578 22.90 5.60 -18.29
C GLU A 578 23.48 5.55 -19.70
N THR A 579 24.27 4.51 -20.01
CA THR A 579 24.89 4.35 -21.31
C THR A 579 24.29 3.18 -22.08
N HIS A 580 23.01 2.89 -21.84
CA HIS A 580 22.38 1.73 -22.45
C HIS A 580 22.27 1.87 -23.96
N SER A 581 22.59 0.80 -24.66
CA SER A 581 22.44 0.78 -26.11
C SER A 581 20.96 0.89 -26.47
N PRO A 582 20.57 1.85 -27.31
CA PRO A 582 19.15 2.00 -27.62
C PRO A 582 18.63 0.87 -28.50
N GLY A 583 17.44 0.39 -28.16
CA GLY A 583 16.78 -0.66 -28.91
C GLY A 583 17.25 -2.07 -28.61
N MET A 584 18.45 -2.25 -28.09
CA MET A 584 18.99 -3.58 -27.78
C MET A 584 18.29 -4.13 -26.55
N PHE A 585 17.30 -4.99 -26.76
CA PHE A 585 16.53 -5.57 -25.68
C PHE A 585 17.01 -6.97 -25.28
N SER A 586 18.07 -7.46 -25.90
CA SER A 586 18.51 -8.84 -25.69
C SER A 586 19.53 -8.97 -24.57
N TRP A 587 19.23 -8.40 -23.40
CA TRP A 587 20.03 -8.54 -22.20
C TRP A 587 19.33 -7.94 -20.99
N PHE A 588 19.18 -8.71 -19.91
CA PHE A 588 18.54 -8.22 -18.70
C PHE A 588 19.56 -8.09 -17.57
N PRO A 589 19.36 -7.16 -16.64
CA PRO A 589 20.33 -7.00 -15.54
C PRO A 589 20.39 -8.26 -14.68
N ILE A 590 21.58 -8.48 -14.10
CA ILE A 590 21.79 -9.59 -13.18
C ILE A 590 21.62 -9.06 -11.76
N LEU A 591 21.43 -9.98 -10.81
CA LEU A 591 21.13 -9.61 -9.44
C LEU A 591 21.91 -10.50 -8.48
N PHE A 592 22.76 -9.88 -7.65
CA PHE A 592 23.47 -10.57 -6.60
C PHE A 592 22.80 -10.25 -5.27
N PRO A 593 21.97 -11.13 -4.73
CA PRO A 593 21.25 -10.83 -3.48
C PRO A 593 22.17 -10.99 -2.27
N ILE A 594 21.62 -10.67 -1.11
CA ILE A 594 22.29 -10.88 0.17
C ILE A 594 21.31 -11.55 1.13
N LYS A 595 21.86 -12.31 2.08
CA LYS A 595 21.04 -13.09 2.99
C LYS A 595 20.14 -12.19 3.83
N GLN A 596 20.74 -11.33 4.64
CA GLN A 596 19.96 -10.45 5.51
C GLN A 596 19.94 -9.05 4.95
N PRO A 597 18.78 -8.41 4.90
CA PRO A 597 18.73 -7.00 4.46
C PRO A 597 19.47 -6.11 5.44
N ILE A 598 20.09 -5.06 4.90
CA ILE A 598 20.92 -4.14 5.68
C ILE A 598 20.28 -2.75 5.61
N THR A 599 20.10 -2.13 6.77
CA THR A 599 19.57 -0.78 6.86
C THR A 599 20.68 0.23 6.56
N VAL A 600 20.34 1.26 5.79
CA VAL A 600 21.29 2.29 5.38
C VAL A 600 20.70 3.65 5.70
N ARG A 601 21.41 4.44 6.49
CA ARG A 601 20.98 5.80 6.79
C ARG A 601 21.44 6.76 5.70
N GLU A 602 20.79 7.93 5.67
CA GLU A 602 21.19 8.98 4.74
C GLU A 602 22.63 9.41 5.02
N GLY A 603 23.42 9.54 3.95
CA GLY A 603 24.79 9.95 4.06
C GLY A 603 25.79 8.82 4.23
N GLN A 604 25.34 7.65 4.69
CA GLN A 604 26.23 6.53 4.87
C GLN A 604 26.71 6.00 3.51
N THR A 605 27.79 5.23 3.56
CA THR A 605 28.40 4.64 2.36
C THR A 605 28.25 3.13 2.43
N ILE A 606 27.82 2.54 1.32
CA ILE A 606 27.70 1.09 1.19
C ILE A 606 28.98 0.58 0.53
N CYS A 607 29.78 -0.17 1.28
CA CYS A 607 31.01 -0.76 0.78
C CYS A 607 30.77 -2.24 0.48
N VAL A 608 30.98 -2.62 -0.78
CA VAL A 608 30.82 -4.00 -1.21
C VAL A 608 32.17 -4.50 -1.73
N ARG A 609 32.42 -5.79 -1.54
CA ARG A 609 33.64 -6.43 -2.00
C ARG A 609 33.27 -7.62 -2.86
N PHE A 610 33.80 -7.68 -4.07
CA PHE A 610 33.49 -8.75 -5.01
C PHE A 610 34.76 -9.48 -5.40
N TRP A 611 34.70 -10.81 -5.41
CA TRP A 611 35.80 -11.66 -5.84
C TRP A 611 35.37 -12.48 -7.03
N ARG A 612 36.31 -12.71 -7.95
CA ARG A 612 36.12 -13.62 -9.07
C ARG A 612 37.10 -14.77 -8.88
N CYS A 613 36.63 -15.85 -8.25
CA CYS A 613 37.49 -16.99 -7.99
C CYS A 613 37.38 -18.01 -9.11
N SER A 614 38.39 -18.88 -9.21
CA SER A 614 38.42 -19.89 -10.26
C SER A 614 39.45 -20.95 -9.92
N ASN A 615 39.12 -22.20 -10.21
CA ASN A 615 40.06 -23.31 -10.16
C ASN A 615 40.19 -23.92 -11.55
N SER A 616 40.78 -25.11 -11.62
CA SER A 616 40.92 -25.80 -12.89
C SER A 616 39.58 -26.29 -13.45
N LYS A 617 38.54 -26.33 -12.62
CA LYS A 617 37.25 -26.89 -13.02
C LYS A 617 36.14 -25.85 -13.12
N LYS A 618 36.06 -24.91 -12.17
CA LYS A 618 34.91 -24.01 -12.08
C LYS A 618 35.39 -22.58 -11.86
N VAL A 619 34.47 -21.65 -12.12
CA VAL A 619 34.65 -20.23 -11.84
C VAL A 619 33.39 -19.74 -11.12
N TRP A 620 33.56 -18.88 -10.12
CA TRP A 620 32.44 -18.42 -9.34
C TRP A 620 32.72 -17.04 -8.76
N TYR A 621 31.67 -16.40 -8.28
CA TYR A 621 31.76 -15.10 -7.65
C TYR A 621 31.54 -15.21 -6.15
N GLU A 622 32.32 -14.44 -5.39
CA GLU A 622 32.12 -14.29 -3.96
C GLU A 622 31.97 -12.81 -3.67
N TRP A 623 31.06 -12.47 -2.76
CA TRP A 623 30.79 -11.07 -2.47
C TRP A 623 30.37 -10.92 -1.01
N ALA A 624 30.67 -9.75 -0.45
CA ALA A 624 30.35 -9.44 0.93
C ALA A 624 30.28 -7.93 1.10
N VAL A 625 29.44 -7.50 2.03
CA VAL A 625 29.28 -6.09 2.37
C VAL A 625 30.07 -5.82 3.64
N THR A 626 30.79 -4.69 3.64
CA THR A 626 31.61 -4.30 4.78
C THR A 626 31.24 -2.95 5.39
N ALA A 627 30.35 -2.19 4.74
CA ALA A 627 29.91 -0.92 5.31
C ALA A 627 28.51 -0.64 4.83
N PRO A 628 27.63 -0.10 5.68
CA PRO A 628 27.85 0.28 7.10
C PRO A 628 27.97 -0.93 8.01
N VAL A 629 27.38 -2.06 7.62
CA VAL A 629 27.40 -3.29 8.40
C VAL A 629 28.08 -4.37 7.59
N CYS A 630 28.83 -5.24 8.27
CA CYS A 630 29.45 -6.39 7.61
C CYS A 630 28.44 -7.52 7.47
N SER A 631 28.32 -8.05 6.26
CA SER A 631 27.53 -9.25 6.01
C SER A 631 28.45 -10.47 5.98
N ALA A 632 27.84 -11.64 5.80
CA ALA A 632 28.64 -12.84 5.61
C ALA A 632 29.12 -12.94 4.18
N ILE A 633 30.28 -13.58 3.99
CA ILE A 633 30.80 -13.80 2.65
C ILE A 633 29.88 -14.79 1.93
N HIS A 634 29.36 -14.37 0.78
CA HIS A 634 28.39 -15.16 0.05
C HIS A 634 29.07 -16.08 -0.95
N ASN A 635 28.53 -17.29 -1.09
CA ASN A 635 29.03 -18.31 -2.00
C ASN A 635 30.52 -18.60 -1.81
N PRO A 636 30.96 -18.90 -0.58
CA PRO A 636 32.39 -19.23 -0.42
C PRO A 636 32.70 -20.58 -1.03
N THR A 637 33.83 -20.63 -1.75
CA THR A 637 34.28 -21.81 -2.49
C THR A 637 33.24 -22.27 -3.50
N GLY A 638 32.41 -21.34 -3.98
CA GLY A 638 31.35 -21.65 -4.92
C GLY A 638 30.40 -22.73 -4.45
N ARG A 639 30.16 -22.81 -3.13
CA ARG A 639 29.35 -23.91 -2.60
C ARG A 639 27.93 -23.91 -3.15
N SER A 640 27.40 -22.73 -3.47
CA SER A 640 26.03 -22.60 -3.93
C SER A 640 25.90 -22.22 -5.40
N TYR A 641 26.99 -21.84 -6.06
CA TYR A 641 26.92 -21.41 -7.44
C TYR A 641 28.31 -21.51 -8.06
N THR A 642 28.38 -22.19 -9.21
CA THR A 642 29.64 -22.34 -9.95
C THR A 642 29.34 -22.30 -11.44
N ILE A 643 30.28 -21.73 -12.20
CA ILE A 643 30.20 -21.69 -13.65
C ILE A 643 31.15 -22.73 -14.21
N GLY A 644 30.63 -23.65 -15.01
CA GLY A 644 31.43 -24.78 -15.48
C GLY A 644 32.39 -24.37 -16.59
N LEU A 645 33.65 -24.70 -16.40
CA LEU A 645 34.67 -24.46 -17.43
C LEU A 645 34.58 -25.50 -18.53
N PRO B 32 -42.59 2.21 7.60
CA PRO B 32 -42.59 2.13 9.06
C PRO B 32 -43.42 0.95 9.59
N ALA B 33 -42.79 -0.23 9.63
CA ALA B 33 -43.45 -1.43 10.15
C ALA B 33 -42.46 -2.22 11.00
N CYS B 34 -41.26 -2.45 10.48
CA CYS B 34 -40.19 -3.13 11.19
C CYS B 34 -39.22 -2.10 11.74
N MET B 35 -39.04 -2.10 13.06
CA MET B 35 -38.06 -1.22 13.69
C MET B 35 -36.74 -1.94 13.88
N GLU B 36 -35.66 -1.24 13.58
CA GLU B 36 -34.32 -1.78 13.74
C GLU B 36 -34.05 -2.14 15.20
N ARG B 37 -33.40 -3.28 15.42
CA ARG B 37 -33.25 -3.80 16.78
C ARG B 37 -32.33 -2.92 17.62
N GLN B 38 -31.29 -2.35 17.03
CA GLN B 38 -30.30 -1.58 17.78
C GLN B 38 -30.80 -0.15 17.95
N LEU B 39 -31.44 0.12 19.09
CA LEU B 39 -31.84 1.48 19.42
C LEU B 39 -30.61 2.30 19.79
N GLU B 40 -30.38 3.39 19.07
CA GLU B 40 -29.16 4.17 19.21
C GLU B 40 -29.32 5.43 20.04
N ALA B 41 -30.45 6.13 19.91
CA ALA B 41 -30.63 7.40 20.59
C ALA B 41 -32.04 7.51 21.14
N ALA B 42 -32.16 8.27 22.23
CA ALA B 42 -33.45 8.54 22.85
C ALA B 42 -33.39 9.94 23.47
N ARG B 43 -34.26 10.83 23.00
CA ARG B 43 -34.26 12.22 23.44
C ARG B 43 -35.69 12.68 23.71
N TYR B 44 -35.86 13.44 24.78
CA TYR B 44 -37.13 14.09 25.08
C TYR B 44 -37.10 15.53 24.61
N ARG B 45 -38.29 16.07 24.36
CA ARG B 45 -38.43 17.48 24.01
C ARG B 45 -39.24 18.17 25.12
N SER B 46 -39.79 19.34 24.79
CA SER B 46 -40.41 20.17 25.83
C SER B 46 -41.66 19.53 26.38
N ASP B 47 -42.66 19.29 25.53
CA ASP B 47 -43.96 18.79 26.00
C ASP B 47 -43.86 17.39 26.58
N GLY B 48 -42.86 16.60 26.20
CA GLY B 48 -42.69 15.27 26.74
C GLY B 48 -42.65 14.16 25.71
N ALA B 49 -42.69 14.47 24.41
CA ALA B 49 -42.60 13.44 23.39
C ALA B 49 -41.20 12.82 23.36
N LEU B 50 -41.14 11.54 23.03
CA LEU B 50 -39.90 10.78 23.05
C LEU B 50 -39.43 10.53 21.62
N LEU B 51 -38.20 10.93 21.32
CA LEU B 51 -37.59 10.71 20.01
C LEU B 51 -36.70 9.48 20.08
N LEU B 52 -36.85 8.59 19.10
CA LEU B 52 -36.09 7.34 19.06
C LEU B 52 -35.38 7.22 17.73
N GLY B 53 -34.10 6.86 17.78
CA GLY B 53 -33.32 6.59 16.58
C GLY B 53 -32.65 5.24 16.64
N ALA B 54 -33.00 4.35 15.71
CA ALA B 54 -32.50 2.98 15.72
C ALA B 54 -31.67 2.73 14.46
N SER B 55 -30.87 1.66 14.53
CA SER B 55 -30.03 1.25 13.41
C SER B 55 -30.06 -0.27 13.29
N SER B 56 -29.95 -0.75 12.05
CA SER B 56 -29.89 -2.19 11.76
C SER B 56 -28.42 -2.57 11.65
N LEU B 57 -27.84 -3.00 12.76
CA LEU B 57 -26.42 -3.29 12.83
C LEU B 57 -26.11 -4.75 12.50
N SER B 58 -27.04 -5.46 11.87
CA SER B 58 -26.83 -6.84 11.43
C SER B 58 -28.01 -7.24 10.57
N GLY B 59 -27.82 -8.32 9.81
CA GLY B 59 -28.87 -8.85 8.97
C GLY B 59 -28.74 -8.38 7.52
N ARG B 60 -29.75 -8.74 6.74
CA ARG B 60 -29.74 -8.48 5.31
C ARG B 60 -29.56 -6.99 5.01
N CYS B 61 -30.43 -6.16 5.56
N CYS B 61 -30.44 -6.16 5.57
CA CYS B 61 -30.41 -4.72 5.31
CA CYS B 61 -30.41 -4.72 5.33
C CYS B 61 -29.78 -4.00 6.49
C CYS B 61 -29.75 -4.02 6.51
N TRP B 62 -28.93 -3.02 6.19
CA TRP B 62 -28.25 -2.20 7.19
C TRP B 62 -28.72 -0.75 7.00
N ALA B 63 -29.74 -0.36 7.75
CA ALA B 63 -30.30 0.99 7.63
C ALA B 63 -30.72 1.45 9.02
N GLY B 64 -31.56 2.49 9.06
CA GLY B 64 -32.04 3.03 10.31
C GLY B 64 -33.45 3.59 10.21
N SER B 65 -33.92 4.24 11.27
CA SER B 65 -35.27 4.79 11.27
C SER B 65 -35.37 5.85 12.36
N LEU B 66 -36.37 6.71 12.22
CA LEU B 66 -36.67 7.76 13.17
C LEU B 66 -38.11 7.61 13.63
N TRP B 67 -38.33 7.71 14.94
CA TRP B 67 -39.64 7.50 15.52
C TRP B 67 -39.95 8.58 16.55
N LEU B 68 -41.25 8.85 16.72
CA LEU B 68 -41.72 9.81 17.70
C LEU B 68 -42.81 9.15 18.53
N PHE B 69 -42.67 9.21 19.85
CA PHE B 69 -43.60 8.59 20.78
C PHE B 69 -44.13 9.64 21.74
N LYS B 70 -45.33 10.17 21.47
CA LYS B 70 -46.00 11.04 22.42
C LYS B 70 -46.43 10.31 23.66
N ASP B 71 -46.43 8.98 23.65
CA ASP B 71 -46.68 8.13 24.82
C ASP B 71 -45.40 7.39 25.11
N PRO B 72 -44.54 7.90 26.00
CA PRO B 72 -43.25 7.24 26.26
C PRO B 72 -43.40 5.81 26.76
N CYS B 73 -44.49 5.48 27.43
CA CYS B 73 -44.70 4.12 27.91
C CYS B 73 -45.01 3.15 26.78
N ALA B 74 -45.41 3.66 25.60
CA ALA B 74 -45.74 2.81 24.47
C ALA B 74 -44.51 2.31 23.73
N ALA B 75 -43.40 3.03 23.82
CA ALA B 75 -42.17 2.62 23.15
C ALA B 75 -41.66 1.31 23.75
N PRO B 76 -40.95 0.49 22.96
CA PRO B 76 -40.56 0.66 21.55
C PRO B 76 -41.53 0.01 20.57
N ASN B 77 -42.79 -0.19 20.95
CA ASN B 77 -43.74 -0.83 20.07
C ASN B 77 -44.15 0.11 18.94
N GLU B 78 -44.04 -0.37 17.69
CA GLU B 78 -44.32 0.45 16.53
C GLU B 78 -45.82 0.66 16.30
N GLY B 79 -46.66 -0.25 16.77
CA GLY B 79 -48.09 -0.12 16.56
C GLY B 79 -48.73 1.01 17.32
N PHE B 80 -48.06 1.54 18.34
CA PHE B 80 -48.59 2.63 19.17
C PHE B 80 -47.56 3.77 19.19
N CYS B 81 -47.27 4.33 18.03
CA CYS B 81 -46.35 5.44 17.90
C CYS B 81 -47.05 6.62 17.25
N SER B 82 -46.45 7.80 17.40
CA SER B 82 -47.01 9.02 16.84
C SER B 82 -46.56 9.26 15.40
N ALA B 83 -45.33 8.87 15.07
CA ALA B 83 -44.81 9.03 13.71
C ALA B 83 -43.60 8.12 13.56
N GLY B 84 -43.18 7.95 12.30
CA GLY B 84 -42.05 7.10 12.00
C GLY B 84 -41.65 7.15 10.54
N VAL B 85 -40.35 7.07 10.26
CA VAL B 85 -39.85 7.13 8.89
C VAL B 85 -38.59 6.27 8.80
N GLN B 86 -38.38 5.68 7.62
CA GLN B 86 -37.23 4.83 7.35
C GLN B 86 -36.15 5.65 6.66
N THR B 87 -34.91 5.50 7.12
CA THR B 87 -33.77 6.17 6.53
C THR B 87 -32.96 5.19 5.67
N GLU B 88 -32.13 5.75 4.79
CA GLU B 88 -31.37 4.91 3.87
C GLU B 88 -30.28 4.14 4.59
N ALA B 89 -29.63 4.75 5.58
CA ALA B 89 -28.53 4.12 6.29
C ALA B 89 -28.77 4.16 7.79
N GLY B 90 -27.77 3.72 8.56
CA GLY B 90 -27.90 3.69 9.99
C GLY B 90 -27.87 5.07 10.61
N VAL B 91 -28.26 5.12 11.88
CA VAL B 91 -28.29 6.35 12.66
C VAL B 91 -27.21 6.23 13.73
N ALA B 92 -26.16 7.04 13.60
CA ALA B 92 -25.06 7.02 14.56
C ALA B 92 -25.29 7.96 15.73
N ASP B 93 -25.86 9.14 15.47
CA ASP B 93 -26.14 10.11 16.52
C ASP B 93 -27.14 11.12 15.98
N LEU B 94 -28.05 11.56 16.85
CA LEU B 94 -29.04 12.55 16.51
C LEU B 94 -29.26 13.49 17.69
N THR B 95 -30.08 14.52 17.47
CA THR B 95 -30.45 15.49 18.48
C THR B 95 -31.56 16.36 17.91
N TRP B 96 -32.39 16.89 18.81
CA TRP B 96 -33.48 17.77 18.40
C TRP B 96 -32.94 19.10 17.89
N VAL B 97 -33.72 19.72 17.00
CA VAL B 97 -33.43 21.07 16.53
C VAL B 97 -34.68 21.92 16.79
N GLY B 98 -34.93 22.21 18.07
CA GLY B 98 -36.11 22.96 18.45
C GLY B 98 -37.23 22.06 18.94
N GLU B 99 -38.38 22.10 18.25
CA GLU B 99 -39.52 21.29 18.64
C GLU B 99 -40.05 20.39 17.53
N ARG B 100 -39.65 20.62 16.28
CA ARG B 100 -40.06 19.77 15.18
C ARG B 100 -38.91 19.34 14.28
N GLY B 101 -37.68 19.76 14.57
CA GLY B 101 -36.54 19.41 13.76
C GLY B 101 -35.76 18.24 14.35
N ILE B 102 -35.19 17.42 13.46
CA ILE B 102 -34.42 16.24 13.85
C ILE B 102 -33.16 16.22 13.00
N LEU B 103 -32.00 16.43 13.65
CA LEU B 103 -30.71 16.39 12.98
C LEU B 103 -30.09 15.01 13.18
N VAL B 104 -29.67 14.37 12.08
CA VAL B 104 -29.23 12.99 12.09
C VAL B 104 -27.83 12.89 11.51
N ALA B 105 -27.00 12.03 12.11
CA ALA B 105 -25.68 11.69 11.59
C ALA B 105 -25.75 10.27 11.03
N SER B 106 -25.63 10.14 9.72
CA SER B 106 -25.84 8.88 9.03
C SER B 106 -24.51 8.20 8.71
N ASP B 107 -24.57 6.87 8.58
CA ASP B 107 -23.38 6.11 8.17
C ASP B 107 -22.96 6.44 6.75
N SER B 108 -23.86 7.00 5.94
CA SER B 108 -23.56 7.38 4.56
C SER B 108 -22.63 8.59 4.46
N GLY B 109 -22.20 9.15 5.59
CA GLY B 109 -21.34 10.32 5.56
C GLY B 109 -22.07 11.63 5.38
N ALA B 110 -23.40 11.62 5.43
CA ALA B 110 -24.21 12.81 5.22
C ALA B 110 -24.87 13.21 6.53
N VAL B 111 -25.01 14.52 6.72
CA VAL B 111 -25.78 15.08 7.82
C VAL B 111 -27.19 15.33 7.31
N GLU B 112 -28.17 14.71 7.97
CA GLU B 112 -29.56 14.80 7.58
C GLU B 112 -30.35 15.64 8.58
N LEU B 113 -31.35 16.35 8.06
CA LEU B 113 -32.27 17.12 8.88
C LEU B 113 -33.69 16.72 8.52
N TRP B 114 -34.45 16.23 9.50
CA TRP B 114 -35.84 15.86 9.32
C TRP B 114 -36.72 16.79 10.13
N GLU B 115 -37.87 17.15 9.57
CA GLU B 115 -38.78 18.09 10.21
C GLU B 115 -40.19 17.53 10.23
N LEU B 116 -40.88 17.72 11.35
CA LEU B 116 -42.26 17.30 11.48
C LEU B 116 -43.19 18.27 10.76
N ASP B 117 -44.27 17.73 10.20
CA ASP B 117 -45.26 18.56 9.53
C ASP B 117 -46.06 19.35 10.57
N GLU B 118 -47.05 20.10 10.09
CA GLU B 118 -47.89 20.88 10.99
C GLU B 118 -48.71 19.99 11.91
N ASN B 119 -49.09 18.80 11.43
CA ASN B 119 -49.89 17.87 12.22
C ASN B 119 -49.04 16.90 13.03
N GLU B 120 -47.72 16.90 12.84
CA GLU B 120 -46.80 16.02 13.57
C GLU B 120 -47.16 14.55 13.39
N THR B 121 -47.65 14.18 12.21
CA THR B 121 -47.92 12.79 11.87
C THR B 121 -46.91 12.21 10.91
N LEU B 122 -46.18 13.05 10.17
CA LEU B 122 -45.16 12.60 9.23
C LEU B 122 -43.81 13.19 9.62
N ILE B 123 -42.75 12.55 9.14
CA ILE B 123 -41.37 13.00 9.36
C ILE B 123 -40.74 13.13 7.97
N VAL B 124 -40.75 14.34 7.44
CA VAL B 124 -40.23 14.61 6.10
C VAL B 124 -38.77 15.04 6.22
N SER B 125 -37.97 14.66 5.22
CA SER B 125 -36.57 15.04 5.18
C SER B 125 -36.43 16.48 4.67
N LYS B 126 -35.72 17.32 5.44
CA LYS B 126 -35.52 18.70 5.04
C LYS B 126 -34.37 18.82 4.06
N PHE B 127 -33.19 18.33 4.42
CA PHE B 127 -32.07 18.29 3.51
C PHE B 127 -31.17 17.11 3.87
N CYS B 128 -30.32 16.73 2.91
CA CYS B 128 -29.38 15.63 3.09
C CYS B 128 -28.12 15.96 2.28
N LYS B 129 -27.11 16.49 2.97
CA LYS B 129 -25.86 16.93 2.34
C LYS B 129 -24.76 15.94 2.68
N TYR B 130 -24.12 15.38 1.64
CA TYR B 130 -23.04 14.41 1.78
C TYR B 130 -21.73 15.17 1.74
N GLU B 131 -21.22 15.55 2.92
CA GLU B 131 -20.00 16.35 3.01
C GLU B 131 -18.84 15.63 3.67
N HIS B 132 -19.10 14.77 4.66
CA HIS B 132 -18.04 13.96 5.24
C HIS B 132 -17.73 12.77 4.34
N ASP B 133 -16.49 12.31 4.39
CA ASP B 133 -16.02 11.20 3.57
C ASP B 133 -16.09 9.86 4.31
N ASP B 134 -16.67 9.83 5.50
CA ASP B 134 -16.81 8.60 6.27
C ASP B 134 -18.01 8.75 7.20
N ILE B 135 -18.22 7.76 8.05
CA ILE B 135 -19.38 7.75 8.94
C ILE B 135 -19.35 8.97 9.84
N VAL B 136 -20.46 9.71 9.87
CA VAL B 136 -20.60 10.83 10.80
C VAL B 136 -20.95 10.26 12.16
N SER B 137 -20.02 10.35 13.11
CA SER B 137 -20.16 9.68 14.39
C SER B 137 -20.93 10.48 15.43
N THR B 138 -20.81 11.81 15.42
CA THR B 138 -21.41 12.63 16.46
C THR B 138 -21.90 13.95 15.87
N VAL B 139 -22.93 14.51 16.52
CA VAL B 139 -23.53 15.76 16.06
C VAL B 139 -24.14 16.46 17.27
N SER B 140 -24.10 17.80 17.25
CA SER B 140 -24.60 18.60 18.35
C SER B 140 -25.04 19.96 17.83
N VAL B 141 -26.18 20.43 18.33
CA VAL B 141 -26.73 21.73 17.94
C VAL B 141 -26.16 22.81 18.84
N LEU B 142 -25.77 23.94 18.24
CA LEU B 142 -25.20 25.05 18.98
C LEU B 142 -26.28 25.79 19.77
N SER B 143 -25.86 26.84 20.47
CA SER B 143 -26.77 27.54 21.38
C SER B 143 -27.87 28.28 20.64
N SER B 144 -27.52 28.94 19.53
CA SER B 144 -28.51 29.71 18.79
C SER B 144 -29.58 28.83 18.15
N GLY B 145 -29.32 27.53 18.01
CA GLY B 145 -30.25 26.65 17.33
C GLY B 145 -30.27 26.77 15.83
N THR B 146 -29.52 27.72 15.26
CA THR B 146 -29.43 27.90 13.82
C THR B 146 -28.18 27.28 13.22
N GLN B 147 -27.25 26.82 14.05
CA GLN B 147 -26.01 26.21 13.58
C GLN B 147 -25.71 24.97 14.41
N ALA B 148 -24.92 24.07 13.84
CA ALA B 148 -24.59 22.82 14.50
C ALA B 148 -23.20 22.37 14.08
N VAL B 149 -22.62 21.48 14.89
CA VAL B 149 -21.28 20.96 14.67
C VAL B 149 -21.37 19.44 14.54
N SER B 150 -20.68 18.89 13.54
CA SER B 150 -20.73 17.46 13.24
C SER B 150 -19.32 16.89 13.27
N GLY B 151 -19.17 15.77 13.97
CA GLY B 151 -17.90 15.03 14.01
C GLY B 151 -18.07 13.70 13.32
N SER B 152 -17.08 13.32 12.53
CA SER B 152 -17.15 12.11 11.73
C SER B 152 -15.86 11.32 11.87
N LYS B 153 -15.90 10.08 11.38
CA LYS B 153 -14.72 9.22 11.40
C LYS B 153 -13.65 9.67 10.42
N ASP B 154 -13.93 10.66 9.57
CA ASP B 154 -12.96 11.17 8.62
C ASP B 154 -12.00 12.20 9.23
N ILE B 155 -11.91 12.25 10.57
CA ILE B 155 -11.00 13.11 11.31
C ILE B 155 -11.37 14.58 11.08
N CYS B 156 -12.54 14.83 10.48
CA CYS B 156 -12.97 16.17 10.16
C CYS B 156 -14.15 16.60 11.04
N ILE B 157 -14.12 17.86 11.47
CA ILE B 157 -15.21 18.47 12.20
C ILE B 157 -15.72 19.65 11.37
N LYS B 158 -17.03 19.71 11.18
CA LYS B 158 -17.63 20.72 10.32
C LYS B 158 -18.67 21.52 11.08
N VAL B 159 -18.78 22.81 10.74
CA VAL B 159 -19.77 23.71 11.29
C VAL B 159 -20.81 23.97 10.20
N TRP B 160 -22.08 23.78 10.54
CA TRP B 160 -23.17 23.82 9.57
C TRP B 160 -24.07 25.02 9.80
N ASP B 161 -24.69 25.47 8.71
CA ASP B 161 -25.75 26.49 8.73
C ASP B 161 -27.04 25.78 8.33
N LEU B 162 -27.86 25.46 9.34
CA LEU B 162 -29.11 24.74 9.10
C LEU B 162 -30.07 25.50 8.21
N ALA B 163 -29.96 26.83 8.17
CA ALA B 163 -30.84 27.61 7.31
C ALA B 163 -30.43 27.50 5.85
N GLN B 164 -29.18 27.85 5.55
CA GLN B 164 -28.69 27.80 4.17
C GLN B 164 -28.33 26.40 3.70
N GLN B 165 -28.34 25.41 4.60
CA GLN B 165 -28.04 24.02 4.27
C GLN B 165 -26.64 23.88 3.65
N VAL B 166 -25.69 24.64 4.18
CA VAL B 166 -24.32 24.62 3.70
C VAL B 166 -23.38 24.50 4.89
N VAL B 167 -22.16 24.04 4.60
CA VAL B 167 -21.13 23.88 5.62
C VAL B 167 -20.36 25.18 5.75
N LEU B 168 -20.41 25.78 6.93
CA LEU B 168 -19.73 27.06 7.14
C LEU B 168 -18.21 26.86 7.23
N SER B 169 -17.77 25.89 8.01
CA SER B 169 -16.35 25.64 8.20
C SER B 169 -16.09 24.14 8.26
N SER B 170 -14.85 23.76 7.93
CA SER B 170 -14.43 22.37 7.97
C SER B 170 -13.04 22.31 8.57
N TYR B 171 -12.94 21.80 9.80
CA TYR B 171 -11.69 21.78 10.54
C TYR B 171 -11.14 20.36 10.61
N ARG B 172 -9.83 20.23 10.42
CA ARG B 172 -9.12 18.97 10.59
C ARG B 172 -8.07 19.17 11.68
N ALA B 173 -8.54 19.20 12.93
CA ALA B 173 -7.64 19.44 14.05
C ALA B 173 -7.14 18.16 14.70
N HIS B 174 -7.96 17.12 14.70
CA HIS B 174 -7.56 15.86 15.32
C HIS B 174 -6.69 15.04 14.36
N ALA B 175 -6.21 13.90 14.85
CA ALA B 175 -5.40 13.00 14.05
C ALA B 175 -5.96 11.59 14.00
N ALA B 176 -7.21 11.40 14.42
CA ALA B 176 -7.84 10.09 14.43
C ALA B 176 -9.35 10.27 14.33
N GLN B 177 -10.10 9.21 14.62
CA GLN B 177 -11.55 9.26 14.52
C GLN B 177 -12.13 10.21 15.56
N VAL B 178 -13.01 11.10 15.12
CA VAL B 178 -13.71 12.00 16.04
C VAL B 178 -14.77 11.20 16.78
N THR B 179 -14.63 11.11 18.10
CA THR B 179 -15.52 10.29 18.92
C THR B 179 -16.77 11.05 19.35
N CYS B 180 -16.62 12.28 19.84
CA CYS B 180 -17.76 13.04 20.34
C CYS B 180 -17.50 14.53 20.19
N VAL B 181 -18.54 15.27 19.83
CA VAL B 181 -18.51 16.73 19.82
C VAL B 181 -19.75 17.23 20.56
N ALA B 182 -19.53 18.17 21.48
CA ALA B 182 -20.62 18.71 22.30
C ALA B 182 -20.57 20.22 22.24
N ALA B 183 -21.66 20.82 21.76
CA ALA B 183 -21.75 22.27 21.68
C ALA B 183 -21.86 22.89 23.08
N SER B 184 -21.39 24.12 23.21
CA SER B 184 -21.55 24.82 24.48
C SER B 184 -23.02 25.14 24.71
N PRO B 185 -23.53 24.94 25.92
CA PRO B 185 -24.97 25.14 26.16
C PRO B 185 -25.41 26.58 26.04
N HIS B 186 -24.49 27.55 26.14
CA HIS B 186 -24.87 28.97 26.10
C HIS B 186 -23.98 29.83 25.21
N LYS B 187 -22.76 29.43 24.92
CA LYS B 187 -21.88 30.16 24.01
C LYS B 187 -21.97 29.51 22.63
N ASP B 188 -22.47 30.26 21.65
CA ASP B 188 -22.74 29.70 20.34
C ASP B 188 -21.47 29.49 19.50
N SER B 189 -20.34 30.04 19.92
CA SER B 189 -19.08 29.89 19.19
C SER B 189 -18.14 28.91 19.86
N VAL B 190 -18.59 28.23 20.91
CA VAL B 190 -17.76 27.32 21.69
C VAL B 190 -18.35 25.92 21.62
N PHE B 191 -17.48 24.92 21.55
CA PHE B 191 -17.90 23.52 21.59
C PHE B 191 -16.69 22.65 21.87
N LEU B 192 -16.94 21.52 22.52
CA LEU B 192 -15.89 20.56 22.84
C LEU B 192 -15.84 19.43 21.81
N SER B 193 -14.70 18.76 21.76
CA SER B 193 -14.52 17.64 20.84
C SER B 193 -13.43 16.73 21.38
N CYS B 194 -13.63 15.43 21.22
CA CYS B 194 -12.66 14.43 21.65
C CYS B 194 -12.51 13.39 20.54
N SER B 195 -11.28 12.95 20.32
CA SER B 195 -10.97 11.99 19.27
C SER B 195 -10.06 10.90 19.83
N GLU B 196 -9.91 9.83 19.05
CA GLU B 196 -9.09 8.70 19.45
C GLU B 196 -7.60 9.02 19.48
N ASP B 197 -7.21 10.24 19.10
CA ASP B 197 -5.83 10.70 19.27
C ASP B 197 -5.55 11.15 20.70
N ASN B 198 -6.44 10.82 21.64
CA ASN B 198 -6.29 11.18 23.05
C ASN B 198 -6.28 12.70 23.25
N ARG B 199 -6.92 13.43 22.35
CA ARG B 199 -7.01 14.89 22.43
C ARG B 199 -8.42 15.31 22.83
N ILE B 200 -8.51 16.23 23.78
CA ILE B 200 -9.76 16.88 24.16
C ILE B 200 -9.61 18.35 23.81
N LEU B 201 -10.29 18.81 22.77
CA LEU B 201 -10.13 20.15 22.25
C LEU B 201 -11.30 21.03 22.65
N LEU B 202 -11.00 22.22 23.18
CA LEU B 202 -11.99 23.25 23.44
C LEU B 202 -11.95 24.24 22.29
N TRP B 203 -13.08 24.47 21.65
CA TRP B 203 -13.15 25.28 20.44
C TRP B 203 -13.74 26.65 20.74
N ASP B 204 -13.31 27.64 19.97
CA ASP B 204 -13.83 29.00 20.05
C ASP B 204 -13.58 29.65 18.69
N THR B 205 -14.61 29.60 17.84
CA THR B 205 -14.49 30.10 16.47
C THR B 205 -14.23 31.60 16.41
N ARG B 206 -14.31 32.32 17.53
CA ARG B 206 -13.98 33.74 17.55
C ARG B 206 -12.48 34.00 17.48
N CYS B 207 -11.65 32.97 17.62
CA CYS B 207 -10.20 33.13 17.62
C CYS B 207 -9.61 32.68 16.29
N PRO B 208 -8.46 33.22 15.90
CA PRO B 208 -7.80 32.73 14.67
C PRO B 208 -7.50 31.24 14.71
N LYS B 209 -7.12 30.73 15.88
CA LYS B 209 -6.97 29.28 16.08
C LYS B 209 -8.05 28.82 17.05
N PRO B 210 -9.16 28.27 16.57
CA PRO B 210 -10.28 27.97 17.48
C PRO B 210 -10.00 26.83 18.45
N ALA B 211 -9.19 25.85 18.05
CA ALA B 211 -8.97 24.68 18.90
C ALA B 211 -7.97 24.98 20.00
N SER B 212 -8.27 24.48 21.20
CA SER B 212 -7.38 24.61 22.36
C SER B 212 -7.38 23.29 23.10
N GLN B 213 -6.24 22.62 23.13
CA GLN B 213 -6.14 21.31 23.75
C GLN B 213 -6.20 21.42 25.28
N ILE B 214 -6.81 20.41 25.91
CA ILE B 214 -7.00 20.35 27.35
C ILE B 214 -6.19 19.18 27.89
N GLY B 215 -5.57 19.39 29.05
CA GLY B 215 -4.81 18.33 29.69
C GLY B 215 -5.43 17.87 31.00
N PRO B 219 -3.13 12.34 28.21
CA PRO B 219 -2.09 11.42 28.68
C PRO B 219 -2.64 10.08 29.13
N GLY B 220 -3.90 10.07 29.55
CA GLY B 220 -4.57 8.86 29.97
C GLY B 220 -5.20 8.13 28.82
N TYR B 221 -6.21 7.32 29.13
CA TYR B 221 -6.91 6.57 28.11
C TYR B 221 -7.83 7.48 27.31
N LEU B 222 -8.22 7.00 26.14
CA LEU B 222 -8.91 7.85 25.17
C LEU B 222 -10.26 8.32 25.72
N PRO B 223 -10.63 9.57 25.47
CA PRO B 223 -11.96 10.05 25.86
C PRO B 223 -13.04 9.54 24.91
N THR B 224 -14.22 9.30 25.47
CA THR B 224 -15.31 8.71 24.71
C THR B 224 -16.66 9.43 24.83
N SER B 225 -16.80 10.37 25.75
CA SER B 225 -18.05 11.09 25.92
C SER B 225 -17.78 12.42 26.60
N LEU B 226 -18.49 13.46 26.16
CA LEU B 226 -18.34 14.80 26.69
C LEU B 226 -19.70 15.35 27.09
N ALA B 227 -19.75 16.08 28.19
CA ALA B 227 -21.00 16.67 28.68
C ALA B 227 -20.69 17.94 29.45
N TRP B 228 -21.19 19.06 28.96
CA TRP B 228 -21.04 20.33 29.65
C TRP B 228 -21.88 20.34 30.93
N HIS B 229 -21.53 21.26 31.84
CA HIS B 229 -22.33 21.43 33.05
C HIS B 229 -23.48 22.38 32.76
N PRO B 230 -24.72 22.01 33.09
CA PRO B 230 -25.86 22.86 32.72
C PRO B 230 -25.98 24.15 33.52
N GLN B 231 -25.21 24.31 34.60
CA GLN B 231 -25.29 25.51 35.43
C GLN B 231 -23.93 26.15 35.66
N GLN B 232 -22.87 25.70 34.98
CA GLN B 232 -21.54 26.27 35.12
C GLN B 232 -20.90 26.31 33.74
N SER B 233 -20.52 27.51 33.29
CA SER B 233 -20.05 27.67 31.92
C SER B 233 -18.67 27.09 31.70
N GLU B 234 -17.83 27.06 32.73
CA GLU B 234 -16.44 26.65 32.61
C GLU B 234 -16.18 25.25 33.13
N VAL B 235 -17.21 24.40 33.20
CA VAL B 235 -17.09 23.07 33.77
C VAL B 235 -17.74 22.07 32.84
N PHE B 236 -17.07 20.92 32.65
CA PHE B 236 -17.63 19.83 31.88
C PHE B 236 -17.07 18.52 32.43
N VAL B 237 -17.69 17.42 32.02
CA VAL B 237 -17.28 16.08 32.43
C VAL B 237 -17.01 15.25 31.19
N PHE B 238 -16.09 14.29 31.33
CA PHE B 238 -15.77 13.39 30.22
C PHE B 238 -15.47 12.00 30.77
N GLY B 239 -15.85 10.99 30.00
CA GLY B 239 -15.59 9.60 30.35
C GLY B 239 -14.65 8.97 29.33
N ASP B 240 -13.76 8.11 29.82
CA ASP B 240 -12.76 7.47 28.98
C ASP B 240 -13.20 6.05 28.62
N GLU B 241 -12.39 5.41 27.77
CA GLU B 241 -12.65 4.03 27.36
C GLU B 241 -12.42 3.03 28.48
N ASN B 242 -11.81 3.44 29.58
CA ASN B 242 -11.53 2.56 30.71
C ASN B 242 -12.62 2.61 31.78
N GLY B 243 -13.65 3.42 31.59
CA GLY B 243 -14.71 3.49 32.57
C GLY B 243 -14.47 4.45 33.71
N THR B 244 -13.94 5.64 33.42
CA THR B 244 -13.63 6.63 34.43
C THR B 244 -14.23 7.97 34.00
N VAL B 245 -15.19 8.45 34.77
CA VAL B 245 -15.78 9.77 34.55
C VAL B 245 -14.98 10.78 35.37
N SER B 246 -14.60 11.89 34.74
CA SER B 246 -13.76 12.89 35.38
C SER B 246 -14.43 14.25 35.32
N LEU B 247 -14.12 15.08 36.31
CA LEU B 247 -14.63 16.45 36.41
C LEU B 247 -13.49 17.41 36.09
N VAL B 248 -13.71 18.27 35.09
CA VAL B 248 -12.68 19.16 34.58
C VAL B 248 -13.17 20.60 34.67
N ASP B 249 -12.31 21.47 35.21
CA ASP B 249 -12.53 22.91 35.21
C ASP B 249 -11.78 23.52 34.03
N THR B 250 -12.48 24.35 33.25
CA THR B 250 -11.87 24.93 32.05
C THR B 250 -10.60 25.69 32.38
N LYS B 251 -10.64 26.55 33.39
CA LYS B 251 -9.45 27.26 33.85
C LYS B 251 -8.56 26.26 34.59
N SER B 252 -7.77 25.53 33.81
CA SER B 252 -6.93 24.46 34.33
C SER B 252 -5.95 24.96 35.40
N VAL B 256 -8.52 18.29 39.75
CA VAL B 256 -9.18 17.34 38.87
C VAL B 256 -9.75 16.18 39.68
N LEU B 257 -11.06 15.98 39.59
CA LEU B 257 -11.76 14.93 40.31
C LEU B 257 -12.23 13.86 39.32
N SER B 258 -12.14 12.61 39.73
CA SER B 258 -12.56 11.49 38.89
C SER B 258 -12.89 10.30 39.78
N SER B 259 -13.62 9.34 39.19
CA SER B 259 -14.01 8.13 39.90
C SER B 259 -14.25 7.03 38.89
N ALA B 260 -13.91 5.80 39.28
CA ALA B 260 -14.11 4.63 38.43
C ALA B 260 -15.57 4.22 38.52
N VAL B 261 -16.36 4.63 37.53
CA VAL B 261 -17.79 4.40 37.55
C VAL B 261 -18.16 3.08 36.88
N HIS B 262 -17.57 2.79 35.73
CA HIS B 262 -17.93 1.62 34.94
C HIS B 262 -16.71 0.74 34.70
N SER B 263 -16.97 -0.49 34.25
CA SER B 263 -15.92 -1.46 33.98
C SER B 263 -15.51 -1.51 32.51
N GLN B 264 -16.20 -0.79 31.63
CA GLN B 264 -15.84 -0.73 30.22
C GLN B 264 -15.98 0.72 29.75
N CYS B 265 -15.96 0.91 28.43
CA CYS B 265 -15.98 2.25 27.85
C CYS B 265 -17.24 3.02 28.23
N VAL B 266 -17.07 4.27 28.62
CA VAL B 266 -18.20 5.13 28.98
C VAL B 266 -18.81 5.68 27.70
N THR B 267 -20.08 5.35 27.46
CA THR B 267 -20.70 5.70 26.19
C THR B 267 -21.25 7.12 26.20
N GLY B 268 -22.03 7.47 27.22
CA GLY B 268 -22.69 8.75 27.26
C GLY B 268 -22.73 9.31 28.66
N LEU B 269 -22.93 10.63 28.73
CA LEU B 269 -23.01 11.37 29.98
C LEU B 269 -24.07 12.44 29.82
N VAL B 270 -25.13 12.35 30.61
CA VAL B 270 -26.26 13.28 30.52
C VAL B 270 -26.55 13.83 31.90
N PHE B 271 -26.65 15.16 32.00
CA PHE B 271 -26.98 15.82 33.26
C PHE B 271 -28.50 15.94 33.43
N SER B 272 -28.95 15.75 34.67
CA SER B 272 -30.36 15.88 34.98
C SER B 272 -30.77 17.35 34.97
N PRO B 273 -32.06 17.64 34.76
CA PRO B 273 -32.52 19.03 34.72
C PRO B 273 -32.79 19.67 36.06
N HIS B 274 -32.36 19.05 37.17
CA HIS B 274 -32.59 19.64 38.48
C HIS B 274 -31.72 20.87 38.69
N SER B 275 -32.01 21.61 39.76
CA SER B 275 -31.20 22.77 40.12
C SER B 275 -29.77 22.34 40.39
N VAL B 276 -29.58 21.37 41.27
CA VAL B 276 -28.29 20.70 41.44
C VAL B 276 -28.33 19.44 40.60
N PRO B 277 -27.81 19.45 39.38
CA PRO B 277 -28.04 18.34 38.46
C PRO B 277 -27.26 17.10 38.83
N PHE B 278 -27.87 15.95 38.55
CA PHE B 278 -27.20 14.66 38.67
C PHE B 278 -26.54 14.29 37.36
N LEU B 279 -25.64 13.30 37.42
CA LEU B 279 -24.88 12.86 36.24
C LEU B 279 -25.20 11.40 35.98
N ALA B 280 -25.86 11.14 34.84
CA ALA B 280 -26.16 9.79 34.41
C ALA B 280 -25.09 9.34 33.42
N SER B 281 -24.44 8.22 33.73
CA SER B 281 -23.35 7.70 32.91
C SER B 281 -23.76 6.39 32.27
N LEU B 282 -23.36 6.21 31.02
CA LEU B 282 -23.68 5.02 30.23
C LEU B 282 -22.38 4.35 29.80
N SER B 283 -22.44 3.04 29.62
CA SER B 283 -21.22 2.30 29.31
C SER B 283 -21.56 1.02 28.56
N GLU B 284 -20.51 0.41 28.01
CA GLU B 284 -20.61 -0.87 27.31
C GLU B 284 -20.67 -2.05 28.26
N ASP B 285 -20.63 -1.83 29.57
CA ASP B 285 -20.79 -2.91 30.54
C ASP B 285 -22.25 -3.25 30.81
N CYS B 286 -23.17 -2.64 30.06
CA CYS B 286 -24.62 -2.87 30.19
C CYS B 286 -25.13 -2.47 31.57
N SER B 287 -24.76 -1.27 32.00
CA SER B 287 -25.19 -0.74 33.29
C SER B 287 -25.41 0.75 33.20
N LEU B 288 -26.28 1.26 34.08
CA LEU B 288 -26.57 2.69 34.18
C LEU B 288 -26.27 3.16 35.60
N ALA B 289 -25.57 4.28 35.71
CA ALA B 289 -25.21 4.84 37.00
C ALA B 289 -25.57 6.33 37.03
N VAL B 290 -26.04 6.79 38.18
CA VAL B 290 -26.38 8.19 38.40
C VAL B 290 -25.48 8.71 39.51
N LEU B 291 -24.72 9.76 39.21
CA LEU B 291 -23.76 10.33 40.14
C LEU B 291 -24.26 11.67 40.67
N ASP B 292 -23.65 12.11 41.77
CA ASP B 292 -24.00 13.39 42.38
C ASP B 292 -23.02 14.47 41.96
N SER B 293 -22.77 15.44 42.85
CA SER B 293 -21.84 16.51 42.54
C SER B 293 -20.38 16.07 42.68
N SER B 294 -20.10 15.13 43.60
CA SER B 294 -18.76 14.64 43.83
C SER B 294 -18.49 13.31 43.13
N LEU B 295 -19.28 12.99 42.10
CA LEU B 295 -19.13 11.76 41.31
C LEU B 295 -19.29 10.50 42.15
N SER B 296 -20.13 10.55 43.18
CA SER B 296 -20.44 9.37 43.98
C SER B 296 -21.64 8.64 43.41
N GLU B 297 -21.60 7.31 43.47
CA GLU B 297 -22.65 6.49 42.89
C GLU B 297 -23.89 6.53 43.78
N LEU B 298 -24.99 7.05 43.23
CA LEU B 298 -26.27 7.12 43.94
C LEU B 298 -27.25 6.05 43.49
N PHE B 299 -27.36 5.81 42.18
CA PHE B 299 -28.25 4.81 41.64
C PHE B 299 -27.51 3.95 40.64
N ARG B 300 -27.84 2.66 40.62
CA ARG B 300 -27.22 1.70 39.71
C ARG B 300 -28.32 0.83 39.10
N SER B 301 -28.30 0.72 37.77
CA SER B 301 -29.31 -0.06 37.05
C SER B 301 -28.62 -1.02 36.10
N GLN B 302 -28.96 -2.31 36.21
CA GLN B 302 -28.45 -3.35 35.33
C GLN B 302 -29.57 -3.98 34.52
N ALA B 303 -30.61 -3.20 34.20
CA ALA B 303 -31.76 -3.74 33.51
C ALA B 303 -31.42 -4.14 32.08
N HIS B 304 -30.56 -3.37 31.42
CA HIS B 304 -30.22 -3.67 30.03
C HIS B 304 -29.32 -4.89 29.94
N ARG B 305 -29.54 -5.69 28.89
CA ARG B 305 -28.73 -6.87 28.64
C ARG B 305 -27.68 -6.66 27.57
N ASP B 306 -27.81 -5.62 26.76
CA ASP B 306 -26.81 -5.25 25.76
C ASP B 306 -26.27 -3.86 26.08
N PHE B 307 -25.56 -3.27 25.12
CA PHE B 307 -24.97 -1.95 25.34
C PHE B 307 -26.06 -0.91 25.60
N VAL B 308 -25.76 0.04 26.48
CA VAL B 308 -26.64 1.16 26.78
C VAL B 308 -26.12 2.36 25.99
N ARG B 309 -26.97 2.90 25.11
CA ARG B 309 -26.54 3.90 24.13
C ARG B 309 -26.85 5.32 24.56
N ASP B 310 -28.13 5.64 24.76
CA ASP B 310 -28.54 7.01 25.07
C ASP B 310 -29.40 7.02 26.33
N ALA B 311 -29.48 8.19 26.95
CA ALA B 311 -30.29 8.39 28.14
C ALA B 311 -30.84 9.80 28.14
N THR B 312 -32.13 9.94 28.43
CA THR B 312 -32.78 11.24 28.42
C THR B 312 -33.67 11.38 29.65
N TRP B 313 -33.60 12.54 30.29
CA TRP B 313 -34.41 12.83 31.46
C TRP B 313 -35.78 13.36 31.03
N SER B 314 -36.79 13.06 31.84
CA SER B 314 -38.15 13.49 31.53
C SER B 314 -38.35 14.94 31.94
N PRO B 315 -38.77 15.81 31.03
CA PRO B 315 -39.00 17.21 31.41
C PRO B 315 -40.21 17.40 32.30
N LEU B 316 -41.18 16.49 32.25
CA LEU B 316 -42.36 16.59 33.10
C LEU B 316 -42.07 16.11 34.52
N ASN B 317 -41.49 14.93 34.65
CA ASN B 317 -41.09 14.36 35.94
C ASN B 317 -39.56 14.25 35.94
N HIS B 318 -38.91 15.18 36.65
CA HIS B 318 -37.45 15.20 36.68
C HIS B 318 -36.85 13.95 37.32
N SER B 319 -37.59 13.27 38.18
CA SER B 319 -37.09 12.06 38.85
C SER B 319 -37.13 10.83 37.95
N LEU B 320 -37.65 10.93 36.73
CA LEU B 320 -37.71 9.82 35.79
C LEU B 320 -36.62 9.97 34.75
N LEU B 321 -35.98 8.87 34.39
CA LEU B 321 -34.90 8.84 33.42
C LEU B 321 -35.09 7.65 32.49
N THR B 322 -35.14 7.92 31.19
CA THR B 322 -35.35 6.89 30.18
C THR B 322 -34.03 6.51 29.52
N THR B 323 -33.80 5.21 29.35
CA THR B 323 -32.60 4.69 28.71
C THR B 323 -32.98 3.66 27.67
N VAL B 324 -32.20 3.60 26.59
CA VAL B 324 -32.38 2.63 25.52
C VAL B 324 -31.04 1.96 25.26
N GLY B 325 -31.10 0.85 24.51
CA GLY B 325 -29.91 0.12 24.18
C GLY B 325 -30.10 -0.75 22.96
N TRP B 326 -29.07 -1.54 22.67
CA TRP B 326 -29.11 -2.46 21.54
C TRP B 326 -29.95 -3.70 21.81
N ASP B 327 -30.39 -3.91 23.05
CA ASP B 327 -31.28 -5.01 23.39
C ASP B 327 -32.75 -4.69 23.07
N HIS B 328 -33.00 -3.58 22.36
CA HIS B 328 -34.34 -3.15 21.97
C HIS B 328 -35.23 -2.88 23.19
N GLN B 329 -34.63 -2.42 24.28
CA GLN B 329 -35.36 -2.08 25.50
C GLN B 329 -35.39 -0.58 25.71
N VAL B 330 -36.50 -0.09 26.24
CA VAL B 330 -36.66 1.32 26.61
C VAL B 330 -37.11 1.32 28.07
N VAL B 331 -36.15 1.39 28.99
CA VAL B 331 -36.44 1.27 30.41
C VAL B 331 -36.61 2.67 31.00
N HIS B 332 -37.60 2.81 31.88
CA HIS B 332 -37.86 4.06 32.60
C HIS B 332 -37.48 3.85 34.06
N HIS B 333 -36.47 4.56 34.52
CA HIS B 333 -35.89 4.37 35.85
C HIS B 333 -36.43 5.44 36.79
N VAL B 334 -36.82 5.02 38.00
CA VAL B 334 -37.27 5.94 39.03
C VAL B 334 -36.06 6.30 39.88
N VAL B 335 -35.46 7.46 39.59
CA VAL B 335 -34.24 7.89 40.26
C VAL B 335 -34.59 8.46 41.63
N PRO B 336 -34.12 7.85 42.73
CA PRO B 336 -34.39 8.34 44.08
C PRO B 336 -33.66 9.63 44.40
#